data_5XHG
#
_entry.id   5XHG
#
_cell.length_a   38.651
_cell.length_b   79.891
_cell.length_c   85.764
_cell.angle_alpha   113.50
_cell.angle_beta   92.82
_cell.angle_gamma   102.84
#
_symmetry.space_group_name_H-M   'P 1'
#
loop_
_entity.id
_entity.type
_entity.pdbx_description
1 polymer polypeptide(L)
2 polymer polypeptide(H)
3 non-polymer '(2-azidophenyl)methyl hydrogen carbonate'
4 non-polymer 'SULFATE ION'
5 non-polymer 1,2-ETHANEDIOL
6 non-polymer DI(HYDROXYETHYL)ETHER
7 water water
#
loop_
_entity_poly.entity_id
_entity_poly.type
_entity_poly.pdbx_seq_one_letter_code
_entity_poly.pdbx_strand_id
1 'polypeptide(L)'
;DIQMTQSPSSLSASVGDRVTITCRASQDVNTAVAWYQQKPGKAPKLLIYSASFLYSGVPSRFSGSRSGTDFTLTISSLQP
EDFATYYCQQHYTTPPTFGQGTKVEIKRTVAAPSVFIFPPSDEQLKSGTASVVCLLNNFYPREAKVQWKVDNALKSGNSQ
ESVTEQDSKDSTYSLSSTLTLSKADYEKHKVYACEVTHQGLSSPVTKSFNRGEC
;
A,C
2 'polypeptide(L)'
;EVQLVESGGGLVQPGGSLRLSCAASGFNIKDTYIHWVRQAPGKGLEWVARIYPTNGYTRYADSVKGRFTISADTSKNTAY
LQMNSLRAEDTAVYYCSRWGGDGFYAMDYWGQGTLVTVSSASTKGPSVFPLAPSSKSTSGGTAALGCLVKDYFPEPVTVS
WNSGALTSGVHTFPAVLQSSGLYSLSSVVTVPSSSLGTQTYICNVNHKPSNTKVDKKVEP
;
B,D
#
loop_
_chem_comp.id
_chem_comp.type
_chem_comp.name
_chem_comp.formula
EDO non-polymer 1,2-ETHANEDIOL 'C2 H6 O2'
OAZ non-polymer '(2-azidophenyl)methyl hydrogen carbonate' 'C8 H7 N3 O2'
PEG non-polymer DI(HYDROXYETHYL)ETHER 'C4 H10 O3'
SO4 non-polymer 'SULFATE ION' 'O4 S -2'
#
# COMPACT_ATOMS: atom_id res chain seq x y z
N ASP A 1 34.21 -4.50 -14.94
CA ASP A 1 33.19 -5.21 -15.72
C ASP A 1 33.35 -4.88 -17.20
N ILE A 2 32.75 -5.71 -18.06
CA ILE A 2 32.78 -5.45 -19.50
C ILE A 2 31.73 -4.40 -19.86
N GLN A 3 32.16 -3.33 -20.51
CA GLN A 3 31.27 -2.26 -20.90
C GLN A 3 30.75 -2.46 -22.32
N MET A 4 29.49 -2.10 -22.52
CA MET A 4 28.88 -2.17 -23.85
C MET A 4 28.53 -0.77 -24.30
N THR A 5 29.27 -0.28 -25.30
CA THR A 5 29.07 1.07 -25.78
C THR A 5 28.18 1.06 -27.01
N GLN A 6 26.98 1.61 -26.84
CA GLN A 6 25.94 1.52 -27.84
C GLN A 6 25.76 2.86 -28.54
N SER A 7 25.66 2.83 -29.86
CA SER A 7 25.45 4.04 -30.64
C SER A 7 24.50 3.78 -31.81
N PRO A 8 23.73 4.81 -32.19
CA PRO A 8 23.71 6.13 -31.56
C PRO A 8 22.86 6.14 -30.31
N SER A 9 22.83 7.26 -29.59
CA SER A 9 21.95 7.40 -28.43
C SER A 9 20.49 7.41 -28.86
N SER A 10 20.24 8.02 -30.01
CA SER A 10 18.89 8.05 -30.56
C SER A 10 18.94 8.26 -32.06
N LEU A 11 17.86 7.94 -32.74
CA LEU A 11 17.81 8.13 -34.18
C LEU A 11 16.38 8.22 -34.67
N SER A 12 16.17 8.98 -35.74
CA SER A 12 14.87 9.04 -36.39
C SER A 12 14.98 8.54 -37.82
N ALA A 13 14.11 7.60 -38.17
CA ALA A 13 14.11 7.05 -39.51
C ALA A 13 12.67 6.96 -40.02
N SER A 14 12.49 7.13 -41.32
CA SER A 14 11.18 7.04 -41.91
C SER A 14 10.79 5.58 -42.07
N VAL A 15 9.49 5.33 -42.15
CA VAL A 15 8.99 3.97 -42.36
C VAL A 15 9.58 3.39 -43.64
N GLY A 16 10.02 2.14 -43.57
CA GLY A 16 10.62 1.48 -44.72
C GLY A 16 12.14 1.59 -44.75
N ASP A 17 12.68 2.50 -43.93
CA ASP A 17 14.12 2.73 -43.88
C ASP A 17 14.88 1.58 -43.24
N ARG A 18 16.10 1.33 -43.73
CA ARG A 18 16.99 0.35 -43.13
C ARG A 18 17.78 1.00 -41.98
N VAL A 19 17.59 0.48 -40.77
CA VAL A 19 18.16 1.06 -39.56
C VAL A 19 19.30 0.24 -38.97
N THR A 20 20.35 0.92 -38.53
CA THR A 20 21.53 0.26 -37.99
C THR A 20 21.87 0.76 -36.58
N ILE A 21 21.96 -0.17 -35.64
CA ILE A 21 22.33 0.15 -34.26
C ILE A 21 23.58 -0.64 -33.88
N THR A 22 24.55 0.05 -33.28
CA THR A 22 25.86 -0.54 -33.02
C THR A 22 26.15 -0.67 -31.53
N CYS A 23 26.92 -1.68 -31.18
CA CYS A 23 27.30 -1.89 -29.79
C CYS A 23 28.71 -2.48 -29.77
N ARG A 24 29.62 -1.77 -29.10
CA ARG A 24 31.02 -2.18 -29.02
C ARG A 24 31.37 -2.63 -27.61
N ALA A 25 31.79 -3.88 -27.47
CA ALA A 25 32.21 -4.43 -26.19
C ALA A 25 33.64 -4.00 -25.85
N SER A 26 33.88 -3.73 -24.58
CA SER A 26 35.20 -3.25 -24.13
C SER A 26 36.26 -4.34 -24.25
N GLN A 27 35.83 -5.59 -24.32
CA GLN A 27 36.74 -6.71 -24.55
C GLN A 27 35.99 -7.87 -25.19
N ASP A 28 36.71 -8.94 -25.50
CA ASP A 28 36.11 -10.11 -26.13
C ASP A 28 34.93 -10.66 -25.34
N VAL A 29 33.80 -10.82 -26.00
CA VAL A 29 32.62 -11.43 -25.38
C VAL A 29 32.12 -12.59 -26.23
N ASN A 30 32.96 -13.04 -27.15
CA ASN A 30 32.59 -14.10 -28.09
C ASN A 30 31.30 -13.73 -28.82
N THR A 31 30.30 -14.60 -28.75
CA THR A 31 28.99 -14.30 -29.34
C THR A 31 27.89 -14.22 -28.27
N ALA A 32 28.30 -14.04 -27.02
CA ALA A 32 27.36 -13.98 -25.91
C ALA A 32 26.73 -12.59 -25.81
N VAL A 33 26.04 -12.19 -26.87
CA VAL A 33 25.41 -10.88 -26.93
C VAL A 33 23.94 -11.04 -27.31
N ALA A 34 23.09 -10.23 -26.71
CA ALA A 34 21.67 -10.25 -27.01
C ALA A 34 21.18 -8.85 -27.30
N TRP A 35 20.08 -8.76 -28.05
CA TRP A 35 19.44 -7.49 -28.33
C TRP A 35 18.01 -7.50 -27.84
N TYR A 36 17.61 -6.42 -27.17
CA TYR A 36 16.26 -6.29 -26.63
C TYR A 36 15.56 -5.06 -27.14
N GLN A 37 14.23 -5.16 -27.24
CA GLN A 37 13.38 -4.03 -27.58
C GLN A 37 12.50 -3.69 -26.38
N GLN A 38 12.42 -2.41 -26.03
CA GLN A 38 11.53 -2.00 -24.94
C GLN A 38 10.63 -0.85 -25.33
N LYS A 39 9.33 -1.10 -25.30
CA LYS A 39 8.33 -0.08 -25.57
C LYS A 39 7.92 0.58 -24.26
N PRO A 40 7.53 1.87 -24.32
CA PRO A 40 7.16 2.65 -23.12
C PRO A 40 6.17 1.91 -22.23
N GLY A 41 6.52 1.76 -20.95
CA GLY A 41 5.65 1.11 -19.98
C GLY A 41 5.64 -0.42 -20.01
N LYS A 42 6.49 -1.01 -20.85
CA LYS A 42 6.51 -2.46 -20.98
C LYS A 42 7.88 -3.05 -20.61
N ALA A 43 7.90 -4.37 -20.39
CA ALA A 43 9.14 -5.07 -20.12
C ALA A 43 9.96 -5.17 -21.41
N PRO A 44 11.27 -5.32 -21.27
CA PRO A 44 12.07 -5.58 -22.47
C PRO A 44 11.67 -6.90 -23.11
N LYS A 45 11.83 -7.02 -24.42
CA LYS A 45 11.57 -8.25 -25.13
C LYS A 45 12.80 -8.65 -25.94
N LEU A 46 13.14 -9.93 -25.89
CA LEU A 46 14.29 -10.43 -26.61
C LEU A 46 14.07 -10.45 -28.13
N LEU A 47 15.01 -9.89 -28.87
CA LEU A 47 14.95 -9.88 -30.33
C LEU A 47 15.95 -10.86 -30.93
N ILE A 48 17.18 -10.78 -30.42
CA ILE A 48 18.31 -11.51 -30.96
C ILE A 48 19.12 -12.14 -29.83
N TYR A 49 19.45 -13.43 -29.97
CA TYR A 49 20.33 -14.08 -29.00
C TYR A 49 21.56 -14.64 -29.70
N SER A 50 22.62 -14.87 -28.93
CA SER A 50 23.86 -15.41 -29.48
C SER A 50 24.31 -14.61 -30.70
N ALA A 51 24.21 -13.28 -30.58
CA ALA A 51 24.74 -12.35 -31.58
C ALA A 51 23.92 -12.24 -32.88
N SER A 52 23.48 -13.37 -33.42
CA SER A 52 22.89 -13.36 -34.76
C SER A 52 21.63 -14.21 -34.95
N PHE A 53 21.10 -14.76 -33.87
CA PHE A 53 19.92 -15.62 -33.98
C PHE A 53 18.61 -14.88 -33.69
N LEU A 54 17.70 -14.91 -34.66
CA LEU A 54 16.39 -14.29 -34.52
C LEU A 54 15.55 -15.09 -33.52
N TYR A 55 14.99 -14.40 -32.52
CA TYR A 55 14.22 -15.09 -31.49
C TYR A 55 12.81 -15.45 -31.98
N SER A 56 12.22 -16.44 -31.33
CA SER A 56 10.86 -16.89 -31.63
C SER A 56 9.87 -15.73 -31.76
N GLY A 57 9.17 -15.69 -32.90
CA GLY A 57 8.07 -14.76 -33.09
C GLY A 57 8.47 -13.36 -33.48
N VAL A 58 9.76 -13.09 -33.56
CA VAL A 58 10.23 -11.77 -33.95
C VAL A 58 10.21 -11.65 -35.47
N PRO A 59 9.76 -10.50 -35.99
CA PRO A 59 9.70 -10.26 -37.43
C PRO A 59 11.06 -10.43 -38.11
N SER A 60 11.04 -10.90 -39.35
CA SER A 60 12.25 -11.21 -40.08
CA SER A 60 12.26 -11.21 -40.08
C SER A 60 13.06 -9.96 -40.44
N ARG A 61 12.45 -8.79 -40.25
CA ARG A 61 13.15 -7.54 -40.58
C ARG A 61 14.23 -7.22 -39.55
N PHE A 62 14.21 -7.92 -38.42
CA PHE A 62 15.27 -7.79 -37.42
C PHE A 62 16.37 -8.82 -37.67
N SER A 63 17.62 -8.36 -37.63
CA SER A 63 18.77 -9.26 -37.74
C SER A 63 19.94 -8.75 -36.90
N GLY A 64 20.85 -9.66 -36.55
CA GLY A 64 22.02 -9.29 -35.77
C GLY A 64 23.28 -9.90 -36.37
N SER A 65 24.40 -9.20 -36.19
CA SER A 65 25.68 -9.69 -36.69
CA SER A 65 25.68 -9.66 -36.72
C SER A 65 26.82 -9.30 -35.75
N ARG A 66 27.92 -10.04 -35.86
CA ARG A 66 29.09 -9.78 -35.04
C ARG A 66 30.33 -9.62 -35.91
N SER A 67 31.17 -8.68 -35.53
CA SER A 67 32.48 -8.50 -36.13
C SER A 67 33.46 -8.17 -35.01
N GLY A 68 34.17 -9.18 -34.52
CA GLY A 68 35.08 -9.00 -33.41
C GLY A 68 34.33 -8.57 -32.16
N THR A 69 34.62 -7.38 -31.66
CA THR A 69 33.94 -6.87 -30.48
C THR A 69 32.78 -5.95 -30.84
N ASP A 70 32.51 -5.78 -32.13
CA ASP A 70 31.40 -4.93 -32.59
C ASP A 70 30.16 -5.76 -32.97
N PHE A 71 29.03 -5.36 -32.43
CA PHE A 71 27.77 -6.06 -32.67
C PHE A 71 26.74 -5.13 -33.27
N THR A 72 26.04 -5.60 -34.29
CA THR A 72 25.14 -4.76 -35.05
C THR A 72 23.72 -5.32 -35.11
N LEU A 73 22.76 -4.50 -34.70
CA LEU A 73 21.35 -4.80 -34.88
C LEU A 73 20.86 -4.05 -36.12
N THR A 74 20.21 -4.76 -37.03
CA THR A 74 19.68 -4.14 -38.23
C THR A 74 18.17 -4.31 -38.32
N ILE A 75 17.48 -3.21 -38.65
CA ILE A 75 16.07 -3.29 -39.02
C ILE A 75 15.99 -2.95 -40.50
N SER A 76 15.67 -3.94 -41.33
CA SER A 76 15.71 -3.79 -42.78
C SER A 76 14.67 -2.81 -43.31
N SER A 77 13.48 -2.83 -42.71
CA SER A 77 12.39 -1.98 -43.14
C SER A 77 11.59 -1.50 -41.94
N LEU A 78 11.96 -0.34 -41.41
CA LEU A 78 11.37 0.18 -40.17
C LEU A 78 9.87 0.38 -40.28
N GLN A 79 9.14 -0.21 -39.32
CA GLN A 79 7.70 -0.05 -39.23
C GLN A 79 7.33 0.89 -38.10
N PRO A 80 6.12 1.47 -38.14
CA PRO A 80 5.67 2.41 -37.11
C PRO A 80 5.62 1.76 -35.73
N GLU A 81 5.42 0.44 -35.67
CA GLU A 81 5.36 -0.27 -34.39
C GLU A 81 6.74 -0.69 -33.91
N ASP A 82 7.78 -0.11 -34.53
CA ASP A 82 9.15 -0.39 -34.12
C ASP A 82 9.69 0.76 -33.27
N PHE A 83 8.86 1.78 -33.08
CA PHE A 83 9.18 2.86 -32.15
C PHE A 83 9.43 2.28 -30.76
N ALA A 84 10.63 2.47 -30.24
CA ALA A 84 11.05 1.85 -28.99
C ALA A 84 12.47 2.23 -28.61
N THR A 85 12.92 1.74 -27.46
CA THR A 85 14.32 1.85 -27.10
C THR A 85 14.94 0.46 -27.22
N TYR A 86 16.10 0.39 -27.88
CA TYR A 86 16.78 -0.89 -28.09
C TYR A 86 18.04 -0.99 -27.24
N TYR A 87 18.26 -2.17 -26.65
CA TYR A 87 19.41 -2.40 -25.78
C TYR A 87 20.21 -3.61 -26.22
N CYS A 88 21.53 -3.47 -26.27
CA CYS A 88 22.42 -4.63 -26.38
C CYS A 88 22.78 -5.09 -24.97
N GLN A 89 23.24 -6.32 -24.86
CA GLN A 89 23.63 -6.90 -23.58
C GLN A 89 24.68 -7.96 -23.80
N GLN A 90 25.75 -7.94 -23.01
CA GLN A 90 26.67 -9.07 -23.03
C GLN A 90 26.43 -9.90 -21.77
N HIS A 91 26.59 -11.21 -21.91
CA HIS A 91 26.52 -12.09 -20.74
C HIS A 91 27.65 -13.10 -20.81
N TYR A 92 28.78 -12.66 -21.34
CA TYR A 92 29.97 -13.50 -21.40
C TYR A 92 30.56 -13.67 -20.00
N THR A 93 30.44 -12.62 -19.19
CA THR A 93 30.90 -12.64 -17.80
C THR A 93 29.84 -12.02 -16.89
N THR A 94 29.97 -12.25 -15.58
CA THR A 94 29.13 -11.56 -14.61
C THR A 94 29.92 -10.35 -14.11
N PRO A 95 29.24 -9.20 -13.97
CA PRO A 95 27.81 -9.04 -14.23
C PRO A 95 27.49 -8.96 -15.72
N PRO A 96 26.30 -9.44 -16.11
CA PRO A 96 25.85 -9.12 -17.46
C PRO A 96 25.62 -7.61 -17.53
N THR A 97 26.02 -6.98 -18.63
CA THR A 97 25.88 -5.53 -18.72
C THR A 97 25.11 -5.13 -19.98
N PHE A 98 24.40 -4.01 -19.88
CA PHE A 98 23.59 -3.49 -20.97
C PHE A 98 24.24 -2.29 -21.62
N GLY A 99 23.97 -2.08 -22.89
CA GLY A 99 24.31 -0.83 -23.53
C GLY A 99 23.39 0.26 -23.00
N GLN A 100 23.71 1.51 -23.28
CA GLN A 100 22.94 2.64 -22.77
C GLN A 100 21.56 2.74 -23.41
N GLY A 101 21.37 2.05 -24.53
CA GLY A 101 20.11 2.08 -25.23
C GLY A 101 20.10 3.01 -26.41
N THR A 102 19.24 2.72 -27.38
CA THR A 102 19.06 3.58 -28.54
C THR A 102 17.58 3.83 -28.75
N LYS A 103 17.17 5.09 -28.60
CA LYS A 103 15.76 5.40 -28.78
C LYS A 103 15.45 5.65 -30.25
N VAL A 104 14.54 4.86 -30.80
CA VAL A 104 14.17 4.97 -32.21
C VAL A 104 12.80 5.62 -32.38
N GLU A 105 12.78 6.78 -33.03
CA GLU A 105 11.51 7.42 -33.37
C GLU A 105 11.27 7.31 -34.87
N ILE A 106 9.99 7.34 -35.26
CA ILE A 106 9.63 7.35 -36.66
C ILE A 106 9.75 8.78 -37.19
N LYS A 107 10.47 8.96 -38.30
CA LYS A 107 10.56 10.27 -38.91
C LYS A 107 9.38 10.45 -39.87
N ARG A 108 8.76 11.62 -39.82
CA ARG A 108 7.67 11.95 -40.72
C ARG A 108 7.77 13.40 -41.16
N THR A 109 6.81 13.85 -41.98
CA THR A 109 6.79 15.21 -42.45
C THR A 109 6.41 16.18 -41.34
N VAL A 110 6.70 17.46 -41.54
CA VAL A 110 6.39 18.49 -40.56
C VAL A 110 4.88 18.61 -40.35
N ALA A 111 4.47 18.71 -39.09
CA ALA A 111 3.07 18.93 -38.76
C ALA A 111 2.98 20.02 -37.70
N ALA A 112 2.19 21.06 -37.98
CA ALA A 112 2.05 22.18 -37.09
C ALA A 112 1.15 21.83 -35.91
N PRO A 113 1.50 22.31 -34.71
CA PRO A 113 0.64 22.03 -33.56
C PRO A 113 -0.65 22.82 -33.59
N SER A 114 -1.73 22.20 -33.13
CA SER A 114 -2.95 22.91 -32.79
C SER A 114 -2.82 23.38 -31.34
N VAL A 115 -3.03 24.67 -31.10
CA VAL A 115 -2.74 25.23 -29.79
C VAL A 115 -3.99 25.63 -29.03
N PHE A 116 -4.03 25.29 -27.76
CA PHE A 116 -5.16 25.62 -26.88
C PHE A 116 -4.65 26.16 -25.56
N ILE A 117 -5.39 27.11 -24.99
CA ILE A 117 -5.07 27.60 -23.65
C ILE A 117 -6.26 27.44 -22.72
N PHE A 118 -5.97 27.01 -21.49
CA PHE A 118 -6.99 26.78 -20.48
C PHE A 118 -6.74 27.62 -19.24
N PRO A 119 -7.70 28.46 -18.86
CA PRO A 119 -7.56 29.17 -17.59
C PRO A 119 -7.78 28.24 -16.40
N PRO A 120 -7.41 28.68 -15.20
CA PRO A 120 -7.63 27.86 -14.01
C PRO A 120 -9.13 27.73 -13.71
N SER A 121 -9.53 26.58 -13.19
CA SER A 121 -10.92 26.37 -12.82
C SER A 121 -11.26 27.18 -11.58
N ASP A 122 -12.52 27.56 -11.43
CA ASP A 122 -12.96 28.26 -10.23
C ASP A 122 -12.75 27.38 -9.01
N GLU A 123 -12.90 26.07 -9.20
CA GLU A 123 -12.67 25.11 -8.12
C GLU A 123 -11.26 25.23 -7.55
N GLN A 124 -10.26 25.26 -8.43
CA GLN A 124 -8.87 25.32 -7.99
C GLN A 124 -8.54 26.66 -7.33
N LEU A 125 -9.10 27.75 -7.87
CA LEU A 125 -8.87 29.07 -7.31
C LEU A 125 -9.30 29.12 -5.84
N LYS A 126 -10.36 28.39 -5.52
CA LYS A 126 -10.87 28.34 -4.15
C LYS A 126 -9.81 27.82 -3.18
N SER A 127 -8.98 26.90 -3.65
CA SER A 127 -7.93 26.33 -2.82
C SER A 127 -6.76 27.29 -2.62
N GLY A 128 -6.64 28.26 -3.51
CA GLY A 128 -5.60 29.27 -3.37
C GLY A 128 -4.48 29.14 -4.39
N THR A 129 -4.70 28.35 -5.43
CA THR A 129 -3.70 28.19 -6.48
C THR A 129 -4.34 28.29 -7.85
N ALA A 130 -3.57 28.78 -8.82
CA ALA A 130 -4.03 28.90 -10.18
C ALA A 130 -3.06 28.19 -11.13
N SER A 131 -3.56 27.17 -11.82
CA SER A 131 -2.79 26.52 -12.87
C SER A 131 -3.32 26.93 -14.23
N VAL A 132 -2.42 27.38 -15.11
CA VAL A 132 -2.78 27.71 -16.48
C VAL A 132 -2.12 26.70 -17.41
N VAL A 133 -2.90 26.15 -18.34
CA VAL A 133 -2.40 25.08 -19.19
C VAL A 133 -2.41 25.47 -20.67
N CYS A 134 -1.29 25.24 -21.33
CA CYS A 134 -1.18 25.45 -22.77
C CYS A 134 -0.95 24.10 -23.43
N LEU A 135 -1.75 23.80 -24.45
CA LEU A 135 -1.67 22.51 -25.11
C LEU A 135 -1.21 22.65 -26.54
N LEU A 136 -0.18 21.88 -26.91
CA LEU A 136 0.22 21.74 -28.30
C LEU A 136 -0.16 20.34 -28.76
N ASN A 137 -1.07 20.25 -29.72
CA ASN A 137 -1.65 18.97 -30.10
C ASN A 137 -1.18 18.46 -31.46
N ASN A 138 -0.68 17.22 -31.45
CA ASN A 138 -0.33 16.48 -32.66
C ASN A 138 0.59 17.22 -33.62
N PHE A 139 1.87 17.35 -33.24
CA PHE A 139 2.84 18.05 -34.06
C PHE A 139 4.11 17.25 -34.30
N TYR A 140 4.88 17.69 -35.29
CA TYR A 140 6.17 17.09 -35.59
C TYR A 140 7.02 18.10 -36.37
N PRO A 141 8.33 18.18 -36.06
CA PRO A 141 9.03 17.34 -35.08
C PRO A 141 8.75 17.71 -33.62
N ARG A 142 9.42 16.99 -32.71
CA ARG A 142 9.20 17.14 -31.27
C ARG A 142 9.63 18.52 -30.76
N GLU A 143 10.64 19.09 -31.40
CA GLU A 143 11.20 20.36 -30.95
C GLU A 143 10.20 21.49 -31.08
N ALA A 144 9.93 22.17 -29.98
CA ALA A 144 9.01 23.30 -29.98
C ALA A 144 9.35 24.27 -28.85
N LYS A 145 9.00 25.54 -29.03
CA LYS A 145 9.26 26.54 -28.01
C LYS A 145 7.95 27.11 -27.48
N VAL A 146 7.72 26.95 -26.18
CA VAL A 146 6.52 27.47 -25.56
C VAL A 146 6.87 28.52 -24.50
N GLN A 147 6.44 29.74 -24.74
CA GLN A 147 6.79 30.84 -23.85
C GLN A 147 5.55 31.48 -23.24
N TRP A 148 5.54 31.60 -21.91
CA TRP A 148 4.43 32.24 -21.21
C TRP A 148 4.65 33.74 -21.10
N LYS A 149 3.61 34.51 -21.44
CA LYS A 149 3.64 35.96 -21.26
C LYS A 149 2.44 36.41 -20.43
N VAL A 150 2.71 37.08 -19.32
CA VAL A 150 1.65 37.63 -18.49
C VAL A 150 1.68 39.14 -18.55
N ASP A 151 0.58 39.74 -18.99
CA ASP A 151 0.52 41.17 -19.28
C ASP A 151 1.65 41.56 -20.21
N ASN A 152 1.88 40.72 -21.22
CA ASN A 152 2.91 40.93 -22.22
C ASN A 152 4.33 40.91 -21.65
N ALA A 153 4.49 40.31 -20.47
CA ALA A 153 5.80 40.18 -19.85
C ALA A 153 6.21 38.70 -19.80
N LEU A 154 7.43 38.41 -20.27
CA LEU A 154 7.95 37.04 -20.26
C LEU A 154 8.03 36.50 -18.84
N LYS A 155 7.33 35.39 -18.59
CA LYS A 155 7.35 34.75 -17.26
C LYS A 155 8.30 33.54 -17.33
N SER A 156 9.22 33.47 -16.38
CA SER A 156 10.17 32.36 -16.35
C SER A 156 10.15 31.62 -15.02
N GLY A 157 10.57 30.36 -15.04
CA GLY A 157 10.73 29.58 -13.83
C GLY A 157 9.45 29.26 -13.08
N ASN A 158 8.31 29.34 -13.76
CA ASN A 158 7.03 29.04 -13.12
C ASN A 158 6.19 28.02 -13.90
N SER A 159 6.81 27.41 -14.92
CA SER A 159 6.08 26.47 -15.76
C SER A 159 6.86 25.19 -16.00
N GLN A 160 6.13 24.08 -16.16
CA GLN A 160 6.74 22.80 -16.49
C GLN A 160 6.09 22.20 -17.73
N GLU A 161 6.89 21.48 -18.51
CA GLU A 161 6.40 20.86 -19.74
C GLU A 161 6.36 19.34 -19.65
N SER A 162 5.41 18.73 -20.36
CA SER A 162 5.37 17.29 -20.51
C SER A 162 5.06 16.95 -21.97
N VAL A 163 5.67 15.88 -22.48
CA VAL A 163 5.45 15.50 -23.86
C VAL A 163 5.02 14.03 -23.94
N THR A 164 4.02 13.75 -24.77
CA THR A 164 3.57 12.38 -24.94
C THR A 164 4.57 11.57 -25.76
N GLU A 165 4.53 10.25 -25.60
CA GLU A 165 5.29 9.37 -26.50
C GLU A 165 4.74 9.54 -27.90
N GLN A 166 5.55 9.20 -28.90
CA GLN A 166 5.14 9.36 -30.28
C GLN A 166 3.88 8.54 -30.56
N ASP A 167 2.89 9.16 -31.22
CA ASP A 167 1.63 8.49 -31.48
C ASP A 167 1.81 7.36 -32.48
N SER A 168 1.17 6.23 -32.20
CA SER A 168 1.31 5.05 -33.06
C SER A 168 0.58 5.22 -34.38
N LYS A 169 -0.39 6.12 -34.43
CA LYS A 169 -1.20 6.29 -35.64
C LYS A 169 -0.62 7.33 -36.60
N ASP A 170 -0.31 8.52 -36.11
CA ASP A 170 0.18 9.59 -36.99
C ASP A 170 1.64 9.99 -36.71
N SER A 171 2.28 9.30 -35.75
CA SER A 171 3.67 9.56 -35.42
C SER A 171 3.93 10.98 -34.95
N THR A 172 2.91 11.63 -34.38
CA THR A 172 3.08 12.98 -33.87
C THR A 172 3.31 13.00 -32.37
N TYR A 173 3.66 14.17 -31.85
CA TYR A 173 3.80 14.39 -30.42
C TYR A 173 2.74 15.38 -29.96
N SER A 174 2.41 15.34 -28.68
CA SER A 174 1.64 16.43 -28.07
C SER A 174 2.38 16.91 -26.84
N LEU A 175 2.15 18.16 -26.47
CA LEU A 175 2.90 18.75 -25.37
C LEU A 175 2.01 19.62 -24.50
N SER A 176 2.23 19.55 -23.19
CA SER A 176 1.54 20.44 -22.27
C SER A 176 2.55 21.33 -21.56
N SER A 177 2.20 22.60 -21.41
CA SER A 177 2.98 23.52 -20.59
C SER A 177 2.06 24.08 -19.53
N THR A 178 2.48 23.95 -18.26
CA THR A 178 1.63 24.35 -17.15
C THR A 178 2.27 25.44 -16.30
N LEU A 179 1.59 26.58 -16.23
CA LEU A 179 2.03 27.72 -15.44
C LEU A 179 1.29 27.73 -14.10
N THR A 180 2.05 27.75 -13.01
CA THR A 180 1.44 27.71 -11.68
C THR A 180 1.71 28.99 -10.89
N LEU A 181 0.64 29.60 -10.42
CA LEU A 181 0.72 30.82 -9.63
C LEU A 181 -0.21 30.73 -8.44
N SER A 182 0.08 31.50 -7.40
CA SER A 182 -0.84 31.61 -6.27
C SER A 182 -2.08 32.35 -6.72
N LYS A 183 -3.19 32.18 -6.00
CA LYS A 183 -4.41 32.90 -6.32
C LYS A 183 -4.17 34.41 -6.25
N ALA A 184 -3.34 34.82 -5.30
CA ALA A 184 -3.05 36.24 -5.11
C ALA A 184 -2.36 36.83 -6.32
N ASP A 185 -1.28 36.18 -6.77
CA ASP A 185 -0.52 36.66 -7.91
C ASP A 185 -1.34 36.62 -9.20
N TYR A 186 -2.14 35.57 -9.35
CA TYR A 186 -2.97 35.39 -10.54
C TYR A 186 -3.95 36.55 -10.70
N GLU A 187 -4.49 37.03 -9.59
CA GLU A 187 -5.50 38.08 -9.62
C GLU A 187 -4.89 39.46 -9.89
N LYS A 188 -3.57 39.53 -9.92
CA LYS A 188 -2.87 40.80 -10.12
C LYS A 188 -2.58 41.08 -11.60
N HIS A 189 -2.95 40.15 -12.48
CA HIS A 189 -2.67 40.32 -13.91
C HIS A 189 -3.91 40.04 -14.77
N LYS A 190 -3.89 40.53 -16.00
CA LYS A 190 -5.06 40.46 -16.86
C LYS A 190 -4.90 39.49 -18.02
N VAL A 191 -3.84 39.67 -18.81
CA VAL A 191 -3.65 38.89 -20.03
C VAL A 191 -2.72 37.71 -19.79
N TYR A 192 -3.23 36.51 -20.05
CA TYR A 192 -2.43 35.29 -19.96
C TYR A 192 -2.29 34.64 -21.32
N ALA A 193 -1.05 34.45 -21.76
CA ALA A 193 -0.81 33.98 -23.12
C ALA A 193 0.32 32.97 -23.19
N CYS A 194 0.18 31.98 -24.07
CA CYS A 194 1.32 31.14 -24.42
C CYS A 194 1.63 31.36 -25.89
N GLU A 195 2.91 31.65 -26.16
CA GLU A 195 3.37 31.84 -27.51
C GLU A 195 4.12 30.59 -27.96
N VAL A 196 3.74 30.06 -29.11
CA VAL A 196 4.32 28.81 -29.58
C VAL A 196 5.10 28.99 -30.86
N THR A 197 6.37 28.57 -30.83
CA THR A 197 7.22 28.55 -32.00
C THR A 197 7.47 27.11 -32.42
N HIS A 198 7.27 26.83 -33.70
CA HIS A 198 7.46 25.48 -34.23
C HIS A 198 7.71 25.52 -35.73
N GLN A 199 8.49 24.56 -36.22
CA GLN A 199 8.86 24.52 -37.63
C GLN A 199 7.65 24.53 -38.56
N GLY A 200 6.53 23.99 -38.06
CA GLY A 200 5.32 23.89 -38.85
C GLY A 200 4.54 25.19 -38.91
N LEU A 201 5.01 26.20 -38.19
CA LEU A 201 4.34 27.49 -38.13
C LEU A 201 5.17 28.58 -38.80
N SER A 202 4.57 29.26 -39.78
CA SER A 202 5.24 30.36 -40.48
CA SER A 202 5.25 30.35 -40.48
C SER A 202 5.74 31.39 -39.48
N SER A 203 4.87 31.77 -38.56
CA SER A 203 5.23 32.67 -37.48
C SER A 203 4.63 32.15 -36.17
N PRO A 204 5.21 32.55 -35.03
CA PRO A 204 4.75 32.08 -33.72
C PRO A 204 3.26 32.30 -33.50
N VAL A 205 2.58 31.29 -32.95
CA VAL A 205 1.16 31.38 -32.67
C VAL A 205 0.93 31.70 -31.20
N THR A 206 0.06 32.67 -30.94
CA THR A 206 -0.27 33.03 -29.57
C THR A 206 -1.72 32.70 -29.25
N LYS A 207 -1.94 32.05 -28.11
CA LYS A 207 -3.27 31.86 -27.58
C LYS A 207 -3.33 32.52 -26.22
N SER A 208 -4.38 33.27 -25.95
CA SER A 208 -4.48 33.98 -24.69
C SER A 208 -5.92 34.17 -24.24
N PHE A 209 -6.06 34.53 -22.97
CA PHE A 209 -7.36 34.92 -22.42
C PHE A 209 -7.15 36.08 -21.46
N ASN A 210 -8.22 36.84 -21.23
CA ASN A 210 -8.21 37.86 -20.19
C ASN A 210 -8.92 37.34 -18.94
N ARG A 211 -8.21 37.31 -17.82
CA ARG A 211 -8.77 36.84 -16.56
C ARG A 211 -10.08 37.56 -16.23
N GLY A 212 -11.13 36.78 -15.98
CA GLY A 212 -12.41 37.34 -15.59
C GLY A 212 -13.35 37.59 -16.76
N GLU A 213 -12.78 37.73 -17.95
CA GLU A 213 -13.58 37.97 -19.15
C GLU A 213 -14.00 36.66 -19.80
N GLU B 1 3.50 -21.27 -22.58
CA GLU B 1 2.85 -21.10 -21.28
C GLU B 1 3.83 -20.53 -20.28
N VAL B 2 5.02 -20.18 -20.76
CA VAL B 2 6.06 -19.64 -19.89
C VAL B 2 5.75 -18.20 -19.48
N GLN B 3 5.70 -17.97 -18.18
CA GLN B 3 5.53 -16.61 -17.69
C GLN B 3 6.14 -16.41 -16.32
N LEU B 4 6.46 -15.16 -16.04
CA LEU B 4 7.05 -14.75 -14.78
C LEU B 4 6.21 -13.62 -14.24
N VAL B 5 5.88 -13.66 -12.95
CA VAL B 5 5.05 -12.61 -12.37
C VAL B 5 5.67 -12.08 -11.08
N GLU B 6 6.06 -10.80 -11.10
CA GLU B 6 6.63 -10.19 -9.90
C GLU B 6 5.52 -9.62 -9.03
N SER B 7 5.78 -9.58 -7.72
CA SER B 7 4.88 -8.92 -6.79
C SER B 7 5.67 -8.42 -5.60
N GLY B 8 5.06 -7.56 -4.79
CA GLY B 8 5.68 -7.13 -3.55
C GLY B 8 6.13 -5.68 -3.53
N GLY B 9 6.07 -5.02 -4.68
CA GLY B 9 6.55 -3.66 -4.78
C GLY B 9 5.61 -2.66 -4.14
N GLY B 10 6.07 -1.42 -4.01
CA GLY B 10 5.24 -0.36 -3.48
C GLY B 10 6.07 0.77 -2.94
N LEU B 11 5.44 1.62 -2.15
CA LEU B 11 6.12 2.77 -1.56
C LEU B 11 6.68 2.42 -0.19
N VAL B 12 7.96 2.71 0.02
CA VAL B 12 8.66 2.34 1.24
C VAL B 12 9.60 3.44 1.70
N GLN B 13 9.85 3.53 3.00
CA GLN B 13 10.75 4.53 3.56
C GLN B 13 12.20 4.24 3.28
N PRO B 14 13.01 5.28 3.08
CA PRO B 14 14.46 5.09 3.02
C PRO B 14 14.95 4.40 4.29
N GLY B 15 15.88 3.47 4.15
CA GLY B 15 16.41 2.76 5.30
C GLY B 15 15.63 1.50 5.64
N GLY B 16 14.50 1.32 4.95
CA GLY B 16 13.61 0.21 5.26
C GLY B 16 13.89 -1.06 4.46
N SER B 17 13.03 -2.06 4.64
CA SER B 17 13.16 -3.34 3.98
C SER B 17 11.93 -3.68 3.16
N LEU B 18 12.13 -4.48 2.11
CA LEU B 18 11.02 -4.91 1.28
C LEU B 18 11.43 -6.21 0.58
N ARG B 19 10.49 -7.15 0.49
CA ARG B 19 10.76 -8.40 -0.20
C ARG B 19 9.91 -8.51 -1.45
N LEU B 20 10.55 -8.78 -2.58
CA LEU B 20 9.85 -9.01 -3.85
C LEU B 20 9.77 -10.50 -4.14
N SER B 21 8.73 -10.90 -4.85
CA SER B 21 8.58 -12.29 -5.28
C SER B 21 8.47 -12.39 -6.80
N CYS B 22 8.94 -13.51 -7.33
CA CYS B 22 8.86 -13.81 -8.75
C CYS B 22 8.33 -15.23 -8.93
N ALA B 23 7.06 -15.35 -9.30
CA ALA B 23 6.44 -16.65 -9.51
C ALA B 23 6.54 -17.09 -10.96
N ALA B 24 7.13 -18.26 -11.16
CA ALA B 24 7.32 -18.77 -12.51
C ALA B 24 6.25 -19.79 -12.85
N SER B 25 5.79 -19.75 -14.10
CA SER B 25 4.83 -20.73 -14.61
C SER B 25 5.29 -21.21 -15.98
N GLY B 26 5.02 -22.48 -16.29
CA GLY B 26 5.29 -22.99 -17.63
C GLY B 26 6.68 -23.57 -17.79
N PHE B 27 7.47 -23.50 -16.73
CA PHE B 27 8.77 -24.15 -16.68
C PHE B 27 9.17 -24.31 -15.23
N ASN B 28 10.20 -25.11 -14.97
CA ASN B 28 10.71 -25.29 -13.61
C ASN B 28 11.96 -24.46 -13.38
N ILE B 29 11.95 -23.63 -12.33
CA ILE B 29 13.09 -22.78 -12.06
C ILE B 29 14.31 -23.58 -11.61
N LYS B 30 14.12 -24.84 -11.25
CA LYS B 30 15.26 -25.68 -10.91
C LYS B 30 16.11 -25.88 -12.17
N ASP B 31 15.52 -25.64 -13.33
CA ASP B 31 16.22 -25.88 -14.59
C ASP B 31 17.07 -24.69 -15.04
N THR B 32 16.86 -23.52 -14.47
CA THR B 32 17.46 -22.31 -15.02
C THR B 32 18.00 -21.31 -13.98
N TYR B 33 18.80 -20.36 -14.45
CA TYR B 33 19.15 -19.19 -13.67
C TYR B 33 18.00 -18.21 -13.67
N ILE B 34 17.77 -17.59 -12.51
CA ILE B 34 16.76 -16.55 -12.37
C ILE B 34 17.45 -15.25 -12.00
N HIS B 35 17.07 -14.16 -12.66
CA HIS B 35 17.69 -12.85 -12.45
C HIS B 35 16.70 -11.82 -11.95
N TRP B 36 17.22 -10.83 -11.22
CA TRP B 36 16.50 -9.59 -11.03
C TRP B 36 17.22 -8.49 -11.80
N VAL B 37 16.46 -7.69 -12.54
CA VAL B 37 16.99 -6.58 -13.32
C VAL B 37 16.11 -5.37 -13.03
N ARG B 38 16.70 -4.21 -12.81
CA ARG B 38 15.89 -3.04 -12.48
C ARG B 38 16.10 -1.87 -13.43
N GLN B 39 15.17 -0.94 -13.38
CA GLN B 39 15.19 0.21 -14.27
C GLN B 39 14.66 1.43 -13.52
N ALA B 40 15.56 2.35 -13.18
CA ALA B 40 15.17 3.59 -12.53
C ALA B 40 14.40 4.45 -13.51
N PRO B 41 13.51 5.31 -13.00
CA PRO B 41 12.71 6.22 -13.83
C PRO B 41 13.56 6.99 -14.84
N GLY B 42 13.27 6.81 -16.12
CA GLY B 42 13.98 7.51 -17.18
C GLY B 42 15.39 7.02 -17.44
N LYS B 43 15.76 5.88 -16.86
CA LYS B 43 17.11 5.36 -17.01
C LYS B 43 17.13 4.03 -17.77
N GLY B 44 18.32 3.48 -17.92
CA GLY B 44 18.50 2.23 -18.64
C GLY B 44 18.31 1.02 -17.74
N LEU B 45 18.79 -0.12 -18.20
CA LEU B 45 18.61 -1.39 -17.48
C LEU B 45 19.83 -1.72 -16.65
N GLU B 46 19.61 -2.14 -15.40
CA GLU B 46 20.71 -2.52 -14.52
C GLU B 46 20.47 -3.90 -13.92
N TRP B 47 21.39 -4.83 -14.18
CA TRP B 47 21.30 -6.15 -13.56
C TRP B 47 21.57 -6.04 -12.06
N VAL B 48 20.80 -6.78 -11.27
CA VAL B 48 20.84 -6.70 -9.80
C VAL B 48 21.45 -7.94 -9.16
N ALA B 49 20.94 -9.11 -9.55
CA ALA B 49 21.38 -10.36 -8.95
C ALA B 49 20.89 -11.58 -9.72
N ARG B 50 21.52 -12.71 -9.44
CA ARG B 50 21.21 -13.96 -10.11
C ARG B 50 21.27 -15.10 -9.12
N ILE B 51 20.45 -16.12 -9.35
CA ILE B 51 20.51 -17.32 -8.52
C ILE B 51 20.30 -18.55 -9.36
N TYR B 52 20.98 -19.63 -8.98
CA TYR B 52 20.74 -20.94 -9.54
C TYR B 52 19.94 -21.74 -8.50
N PRO B 53 18.62 -21.82 -8.66
CA PRO B 53 17.76 -22.35 -7.59
C PRO B 53 18.14 -23.75 -7.09
N THR B 54 18.69 -24.58 -7.96
CA THR B 54 19.03 -25.96 -7.57
C THR B 54 20.01 -26.02 -6.41
N ASN B 55 21.08 -25.24 -6.48
CA ASN B 55 22.07 -25.25 -5.40
C ASN B 55 22.12 -23.95 -4.60
N GLY B 56 21.33 -22.97 -5.02
CA GLY B 56 21.23 -21.71 -4.31
C GLY B 56 22.40 -20.77 -4.50
N TYR B 57 23.27 -21.06 -5.46
CA TYR B 57 24.41 -20.19 -5.74
C TYR B 57 23.96 -18.84 -6.28
N THR B 58 24.57 -17.78 -5.78
CA THR B 58 24.13 -16.42 -6.10
C THR B 58 25.25 -15.51 -6.58
N ARG B 59 24.86 -14.47 -7.31
CA ARG B 59 25.77 -13.38 -7.70
C ARG B 59 25.04 -12.05 -7.54
N TYR B 60 25.78 -11.00 -7.21
CA TYR B 60 25.19 -9.67 -6.99
C TYR B 60 25.93 -8.56 -7.72
N ALA B 61 25.18 -7.53 -8.10
CA ALA B 61 25.78 -6.27 -8.56
C ALA B 61 26.46 -5.58 -7.37
N ASP B 62 27.59 -4.94 -7.63
CA ASP B 62 28.29 -4.21 -6.55
C ASP B 62 27.39 -3.22 -5.81
N SER B 63 26.47 -2.60 -6.55
CA SER B 63 25.59 -1.58 -6.00
C SER B 63 24.61 -2.11 -4.94
N VAL B 64 24.45 -3.42 -4.85
CA VAL B 64 23.49 -4.00 -3.89
C VAL B 64 24.10 -5.07 -2.98
N LYS B 65 25.35 -5.42 -3.20
CA LYS B 65 26.01 -6.42 -2.37
C LYS B 65 25.90 -6.09 -0.89
N GLY B 66 25.56 -7.10 -0.09
CA GLY B 66 25.42 -6.92 1.35
C GLY B 66 24.04 -6.46 1.79
N ARG B 67 23.44 -5.57 1.00
CA ARG B 67 22.12 -5.00 1.32
C ARG B 67 20.97 -5.86 0.80
N PHE B 68 21.18 -6.49 -0.35
CA PHE B 68 20.13 -7.30 -0.98
C PHE B 68 20.49 -8.78 -0.90
N THR B 69 19.47 -9.63 -0.84
CA THR B 69 19.65 -11.08 -0.84
C THR B 69 18.67 -11.68 -1.82
N ILE B 70 19.18 -12.40 -2.82
CA ILE B 70 18.31 -13.13 -3.72
C ILE B 70 18.21 -14.56 -3.22
N SER B 71 17.02 -15.15 -3.33
CA SER B 71 16.81 -16.52 -2.88
C SER B 71 15.74 -17.18 -3.73
N ALA B 72 15.55 -18.47 -3.54
CA ALA B 72 14.59 -19.21 -4.33
C ALA B 72 14.11 -20.44 -3.61
N ASP B 73 12.85 -20.81 -3.88
CA ASP B 73 12.24 -22.01 -3.32
C ASP B 73 11.71 -22.83 -4.49
N THR B 74 12.41 -23.90 -4.85
CA THR B 74 12.02 -24.67 -6.02
C THR B 74 10.65 -25.34 -5.83
N SER B 75 10.30 -25.69 -4.60
CA SER B 75 9.02 -26.35 -4.35
C SER B 75 7.86 -25.36 -4.56
N LYS B 76 8.17 -24.07 -4.55
CA LYS B 76 7.15 -23.07 -4.84
C LYS B 76 7.36 -22.45 -6.22
N ASN B 77 8.40 -22.92 -6.93
CA ASN B 77 8.75 -22.39 -8.24
C ASN B 77 8.80 -20.88 -8.25
N THR B 78 9.36 -20.32 -7.18
CA THR B 78 9.31 -18.89 -6.93
C THR B 78 10.67 -18.40 -6.44
N ALA B 79 11.08 -17.22 -6.91
CA ALA B 79 12.31 -16.59 -6.46
C ALA B 79 11.99 -15.31 -5.69
N TYR B 80 12.94 -14.83 -4.90
CA TYR B 80 12.69 -13.66 -4.06
C TYR B 80 13.85 -12.69 -4.10
N LEU B 81 13.55 -11.41 -3.87
CA LEU B 81 14.60 -10.44 -3.64
C LEU B 81 14.31 -9.71 -2.34
N GLN B 82 15.15 -9.97 -1.33
CA GLN B 82 15.05 -9.28 -0.06
C GLN B 82 15.88 -8.00 -0.13
N MET B 83 15.22 -6.86 -0.03
CA MET B 83 15.90 -5.58 -0.13
C MET B 83 15.97 -4.92 1.24
N ASN B 84 17.18 -4.57 1.66
CA ASN B 84 17.38 -3.90 2.95
C ASN B 84 18.14 -2.60 2.78
N SER B 85 18.14 -1.77 3.83
CA SER B 85 18.82 -0.47 3.80
C SER B 85 18.48 0.27 2.52
N LEU B 86 17.21 0.32 2.18
CA LEU B 86 16.77 0.89 0.92
C LEU B 86 17.12 2.37 0.81
N ARG B 87 17.52 2.75 -0.40
CA ARG B 87 17.94 4.12 -0.70
C ARG B 87 17.07 4.66 -1.82
N ALA B 88 17.00 5.98 -1.94
CA ALA B 88 16.28 6.60 -3.05
C ALA B 88 16.80 6.08 -4.39
N GLU B 89 18.09 5.80 -4.45
CA GLU B 89 18.74 5.23 -5.63
C GLU B 89 18.14 3.88 -6.06
N ASP B 90 17.47 3.20 -5.13
CA ASP B 90 16.91 1.88 -5.42
C ASP B 90 15.54 1.96 -6.06
N THR B 91 14.99 3.18 -6.11
CA THR B 91 13.70 3.39 -6.74
C THR B 91 13.76 2.96 -8.21
N ALA B 92 12.87 2.07 -8.61
CA ALA B 92 12.92 1.48 -9.94
C ALA B 92 11.80 0.49 -10.15
N VAL B 93 11.55 0.15 -11.41
CA VAL B 93 10.76 -1.03 -11.72
C VAL B 93 11.69 -2.22 -11.64
N TYR B 94 11.31 -3.22 -10.84
CA TYR B 94 12.11 -4.43 -10.70
C TYR B 94 11.52 -5.54 -11.55
N TYR B 95 12.33 -6.06 -12.46
CA TYR B 95 11.95 -7.18 -13.31
C TYR B 95 12.60 -8.47 -12.90
N CYS B 96 11.85 -9.56 -13.02
CA CYS B 96 12.39 -10.90 -12.91
C CYS B 96 12.59 -11.45 -14.31
N SER B 97 13.72 -12.11 -14.55
CA SER B 97 13.91 -12.77 -15.84
C SER B 97 14.62 -14.11 -15.65
N ARG B 98 14.65 -14.90 -16.72
CA ARG B 98 15.35 -16.17 -16.66
C ARG B 98 16.39 -16.25 -17.78
N TRP B 99 17.39 -17.09 -17.58
CA TRP B 99 18.28 -17.46 -18.67
C TRP B 99 17.74 -18.69 -19.37
N GLY B 100 17.40 -18.55 -20.64
CA GLY B 100 16.97 -19.68 -21.44
C GLY B 100 18.17 -20.44 -21.95
N GLY B 101 18.03 -21.76 -22.06
CA GLY B 101 19.08 -22.60 -22.61
C GLY B 101 20.42 -22.41 -21.90
N ASP B 102 20.36 -22.34 -20.57
CA ASP B 102 21.55 -22.17 -19.75
C ASP B 102 22.36 -20.93 -20.17
N GLY B 103 21.67 -19.94 -20.73
CA GLY B 103 22.31 -18.69 -21.10
C GLY B 103 22.37 -18.46 -22.60
N PHE B 104 22.26 -19.54 -23.38
CA PHE B 104 22.32 -19.44 -24.83
C PHE B 104 21.23 -18.53 -25.39
N TYR B 105 20.04 -18.58 -24.77
CA TYR B 105 18.92 -17.77 -25.24
C TYR B 105 18.82 -16.46 -24.48
N ALA B 106 19.86 -16.15 -23.71
CA ALA B 106 19.89 -14.91 -22.94
C ALA B 106 18.66 -14.80 -22.05
N MET B 107 18.22 -13.58 -21.80
CA MET B 107 17.03 -13.38 -20.98
C MET B 107 15.81 -13.42 -21.88
N ASP B 108 15.26 -14.61 -22.09
CA ASP B 108 14.21 -14.79 -23.11
C ASP B 108 12.81 -14.54 -22.58
N TYR B 109 12.63 -14.60 -21.27
CA TYR B 109 11.35 -14.27 -20.67
C TYR B 109 11.53 -13.32 -19.50
N TRP B 110 10.68 -12.29 -19.46
CA TRP B 110 10.69 -11.28 -18.42
C TRP B 110 9.29 -11.16 -17.84
N GLY B 111 9.20 -10.80 -16.56
CA GLY B 111 7.92 -10.45 -15.97
C GLY B 111 7.52 -9.03 -16.34
N GLN B 112 6.36 -8.59 -15.86
CA GLN B 112 5.84 -7.27 -16.19
C GLN B 112 6.51 -6.18 -15.35
N GLY B 113 7.13 -6.60 -14.26
CA GLY B 113 7.84 -5.68 -13.39
C GLY B 113 6.98 -5.22 -12.24
N THR B 114 7.63 -4.89 -11.12
CA THR B 114 6.93 -4.33 -9.97
C THR B 114 7.65 -3.05 -9.55
N LEU B 115 6.88 -1.99 -9.36
CA LEU B 115 7.46 -0.68 -9.06
C LEU B 115 7.79 -0.53 -7.58
N VAL B 116 9.03 -0.18 -7.30
CA VAL B 116 9.46 0.09 -5.93
C VAL B 116 9.84 1.57 -5.83
N THR B 117 9.17 2.29 -4.94
CA THR B 117 9.47 3.71 -4.74
C THR B 117 9.99 3.91 -3.32
N VAL B 118 11.21 4.39 -3.21
CA VAL B 118 11.83 4.64 -1.91
C VAL B 118 11.83 6.13 -1.60
N SER B 119 11.01 6.54 -0.64
CA SER B 119 10.80 7.95 -0.37
C SER B 119 10.20 8.16 1.02
N SER B 120 10.47 9.32 1.61
CA SER B 120 9.89 9.65 2.91
C SER B 120 8.61 10.47 2.77
N ALA B 121 8.25 10.78 1.53
CA ALA B 121 7.02 11.53 1.28
C ALA B 121 5.78 10.66 1.49
N SER B 122 4.74 11.25 2.09
CA SER B 122 3.49 10.54 2.35
C SER B 122 2.65 10.37 1.09
N THR B 123 1.80 9.35 1.08
CA THR B 123 0.83 9.18 0.02
C THR B 123 -0.13 10.35 0.03
N LYS B 124 -0.54 10.80 -1.15
CA LYS B 124 -1.55 11.84 -1.26
C LYS B 124 -2.35 11.63 -2.53
N GLY B 125 -3.68 11.67 -2.40
CA GLY B 125 -4.54 11.53 -3.57
C GLY B 125 -4.60 12.84 -4.34
N PRO B 126 -4.83 12.74 -5.66
CA PRO B 126 -4.85 13.95 -6.48
C PRO B 126 -6.13 14.77 -6.32
N SER B 127 -6.01 16.07 -6.56
CA SER B 127 -7.18 16.89 -6.86
C SER B 127 -7.38 16.83 -8.36
N VAL B 128 -8.64 16.82 -8.80
CA VAL B 128 -8.94 16.76 -10.22
C VAL B 128 -9.73 18.00 -10.63
N PHE B 129 -9.14 18.82 -11.49
CA PHE B 129 -9.79 20.04 -11.95
C PHE B 129 -10.09 19.96 -13.44
N PRO B 130 -11.21 20.59 -13.86
CA PRO B 130 -11.56 20.56 -15.28
C PRO B 130 -10.70 21.51 -16.09
N LEU B 131 -10.38 21.09 -17.31
CA LEU B 131 -9.83 21.98 -18.32
C LEU B 131 -10.95 22.25 -19.30
N ALA B 132 -11.65 23.36 -19.09
CA ALA B 132 -12.90 23.63 -19.79
C ALA B 132 -12.66 24.08 -21.22
N PRO B 133 -13.37 23.46 -22.18
CA PRO B 133 -13.30 23.85 -23.58
C PRO B 133 -13.87 25.25 -23.79
N SER B 134 -13.35 25.98 -24.77
CA SER B 134 -13.80 27.33 -25.04
C SER B 134 -14.31 27.47 -26.47
N GLY B 141 -13.01 17.31 -34.56
CA GLY B 141 -11.81 17.66 -33.84
C GLY B 141 -11.48 19.13 -33.93
N THR B 142 -12.29 19.97 -33.28
CA THR B 142 -12.09 21.40 -33.34
C THR B 142 -12.11 22.03 -31.95
N ALA B 143 -12.43 21.23 -30.93
CA ALA B 143 -12.38 21.70 -29.55
C ALA B 143 -11.51 20.79 -28.70
N ALA B 144 -10.84 21.37 -27.71
CA ALA B 144 -10.02 20.60 -26.77
C ALA B 144 -10.52 20.79 -25.35
N LEU B 145 -10.48 19.72 -24.58
CA LEU B 145 -10.88 19.77 -23.17
C LEU B 145 -10.06 18.74 -22.42
N GLY B 146 -10.13 18.77 -21.09
CA GLY B 146 -9.39 17.81 -20.30
C GLY B 146 -9.54 17.92 -18.80
N CYS B 147 -8.66 17.21 -18.10
CA CYS B 147 -8.63 17.23 -16.64
C CYS B 147 -7.21 17.47 -16.17
N LEU B 148 -7.08 18.34 -15.17
CA LEU B 148 -5.82 18.53 -14.48
C LEU B 148 -5.81 17.63 -13.25
N VAL B 149 -4.89 16.68 -13.22
CA VAL B 149 -4.77 15.76 -12.09
C VAL B 149 -3.56 16.16 -11.27
N LYS B 150 -3.80 16.92 -10.20
CA LYS B 150 -2.73 17.65 -9.52
C LYS B 150 -2.46 17.20 -8.09
N ASP B 151 -1.18 17.26 -7.72
CA ASP B 151 -0.75 17.11 -6.33
C ASP B 151 -1.02 15.72 -5.76
N TYR B 152 -0.38 14.71 -6.34
CA TYR B 152 -0.51 13.35 -5.83
C TYR B 152 0.86 12.70 -5.67
N PHE B 153 0.88 11.63 -4.88
CA PHE B 153 2.10 10.88 -4.64
C PHE B 153 1.73 9.55 -4.01
N PRO B 154 2.36 8.45 -4.46
CA PRO B 154 3.35 8.38 -5.54
C PRO B 154 2.69 8.05 -6.88
N GLU B 155 3.50 7.80 -7.90
CA GLU B 155 3.00 7.18 -9.12
C GLU B 155 2.47 5.80 -8.77
N PRO B 156 1.55 5.26 -9.59
CA PRO B 156 0.96 5.87 -10.78
C PRO B 156 -0.50 6.29 -10.58
N VAL B 157 -1.03 7.05 -11.53
CA VAL B 157 -2.46 7.28 -11.61
C VAL B 157 -2.95 6.79 -12.97
N THR B 158 -4.22 6.45 -13.06
CA THR B 158 -4.82 6.14 -14.34
C THR B 158 -5.94 7.11 -14.66
N VAL B 159 -6.11 7.39 -15.94
CA VAL B 159 -7.17 8.28 -16.42
C VAL B 159 -7.84 7.65 -17.62
N SER B 160 -9.17 7.62 -17.61
CA SER B 160 -9.93 7.23 -18.79
C SER B 160 -10.98 8.31 -19.02
N TRP B 161 -11.61 8.27 -20.20
CA TRP B 161 -12.66 9.22 -20.50
C TRP B 161 -13.97 8.48 -20.80
N ASN B 162 -15.05 8.96 -20.19
CA ASN B 162 -16.35 8.34 -20.34
C ASN B 162 -16.30 6.84 -20.10
N SER B 163 -15.54 6.43 -19.09
CA SER B 163 -15.41 5.03 -18.71
C SER B 163 -14.93 4.14 -19.87
N GLY B 164 -13.99 4.65 -20.65
CA GLY B 164 -13.39 3.87 -21.72
C GLY B 164 -14.08 4.00 -23.06
N ALA B 165 -15.24 4.66 -23.09
CA ALA B 165 -15.99 4.85 -24.32
C ALA B 165 -15.29 5.86 -25.23
N LEU B 166 -14.51 6.74 -24.65
CA LEU B 166 -13.77 7.75 -25.40
C LEU B 166 -12.28 7.47 -25.35
N THR B 167 -11.71 7.09 -26.49
CA THR B 167 -10.30 6.75 -26.55
C THR B 167 -9.58 7.52 -27.67
N SER B 168 -10.29 7.78 -28.76
CA SER B 168 -9.71 8.49 -29.90
C SER B 168 -9.41 9.95 -29.56
N GLY B 169 -8.18 10.39 -29.88
CA GLY B 169 -7.79 11.76 -29.68
C GLY B 169 -7.42 12.10 -28.25
N VAL B 170 -7.36 11.09 -27.40
CA VAL B 170 -6.97 11.30 -26.00
C VAL B 170 -5.45 11.34 -25.84
N HIS B 171 -4.98 12.31 -25.06
CA HIS B 171 -3.57 12.39 -24.70
C HIS B 171 -3.43 12.58 -23.20
N THR B 172 -3.03 11.52 -22.50
CA THR B 172 -2.72 11.62 -21.09
C THR B 172 -1.22 11.78 -20.91
N PHE B 173 -0.81 12.95 -20.46
CA PHE B 173 0.61 13.29 -20.42
C PHE B 173 1.34 12.59 -19.29
N PRO B 174 2.64 12.32 -19.48
CA PRO B 174 3.46 11.80 -18.40
C PRO B 174 3.45 12.76 -17.22
N ALA B 175 3.42 12.23 -16.00
CA ALA B 175 3.44 13.08 -14.82
C ALA B 175 4.78 13.78 -14.69
N VAL B 176 4.74 14.99 -14.17
CA VAL B 176 5.96 15.73 -13.87
C VAL B 176 5.99 16.02 -12.37
N LEU B 177 7.17 15.90 -11.77
CA LEU B 177 7.31 16.19 -10.35
C LEU B 177 7.43 17.70 -10.15
N GLN B 178 6.52 18.27 -9.37
CA GLN B 178 6.54 19.69 -9.06
C GLN B 178 7.57 20.00 -8.00
N SER B 179 7.89 21.29 -7.83
CA SER B 179 8.88 21.70 -6.84
C SER B 179 8.44 21.29 -5.43
N SER B 180 7.13 21.10 -5.24
CA SER B 180 6.59 20.66 -3.95
C SER B 180 6.90 19.20 -3.67
N GLY B 181 7.34 18.47 -4.69
CA GLY B 181 7.61 17.05 -4.54
C GLY B 181 6.37 16.21 -4.77
N LEU B 182 5.33 16.82 -5.31
CA LEU B 182 4.11 16.11 -5.69
C LEU B 182 4.01 16.04 -7.22
N TYR B 183 3.40 14.98 -7.73
CA TYR B 183 3.18 14.85 -9.17
C TYR B 183 1.97 15.62 -9.65
N SER B 184 1.98 15.95 -10.93
CA SER B 184 0.85 16.58 -11.58
C SER B 184 0.87 16.21 -13.05
N LEU B 185 -0.30 16.00 -13.64
CA LEU B 185 -0.41 15.75 -15.07
C LEU B 185 -1.76 16.20 -15.58
N SER B 186 -1.86 16.40 -16.89
CA SER B 186 -3.12 16.66 -17.53
C SER B 186 -3.47 15.53 -18.48
N SER B 187 -4.77 15.29 -18.63
CA SER B 187 -5.27 14.42 -19.68
C SER B 187 -6.22 15.22 -20.53
N VAL B 188 -6.00 15.21 -21.83
CA VAL B 188 -6.80 16.00 -22.75
C VAL B 188 -7.34 15.15 -23.88
N VAL B 189 -8.34 15.67 -24.57
CA VAL B 189 -8.91 15.01 -25.71
C VAL B 189 -9.49 16.07 -26.64
N THR B 190 -9.35 15.85 -27.94
CA THR B 190 -9.94 16.76 -28.91
C THR B 190 -11.22 16.15 -29.47
N VAL B 191 -12.28 16.95 -29.46
CA VAL B 191 -13.59 16.50 -29.91
C VAL B 191 -14.21 17.52 -30.86
N PRO B 192 -15.29 17.13 -31.55
CA PRO B 192 -16.06 18.06 -32.38
C PRO B 192 -16.68 19.17 -31.54
N SER B 193 -16.50 20.42 -31.95
CA SER B 193 -17.09 21.56 -31.26
C SER B 193 -18.60 21.40 -31.17
N SER B 194 -19.17 20.67 -32.12
CA SER B 194 -20.61 20.50 -32.25
C SER B 194 -21.23 19.83 -31.03
N SER B 195 -20.42 19.12 -30.26
CA SER B 195 -20.93 18.30 -29.18
C SER B 195 -20.65 18.90 -27.80
N LEU B 196 -20.22 20.16 -27.78
CA LEU B 196 -19.74 20.77 -26.54
C LEU B 196 -20.85 21.05 -25.52
N GLY B 197 -22.06 21.38 -26.00
CA GLY B 197 -23.13 21.77 -25.10
C GLY B 197 -24.06 20.65 -24.68
N THR B 198 -23.84 19.45 -25.20
CA THR B 198 -24.75 18.34 -24.95
C THR B 198 -24.03 17.07 -24.51
N GLN B 199 -23.15 16.57 -25.36
CA GLN B 199 -22.37 15.37 -25.08
C GLN B 199 -21.55 15.53 -23.80
N THR B 200 -21.75 14.60 -22.86
CA THR B 200 -21.08 14.67 -21.57
C THR B 200 -19.66 14.12 -21.64
N TYR B 201 -18.73 14.84 -21.04
CA TYR B 201 -17.35 14.38 -20.97
C TYR B 201 -16.94 14.26 -19.52
N ILE B 202 -16.53 13.06 -19.13
CA ILE B 202 -16.14 12.78 -17.77
C ILE B 202 -14.79 12.08 -17.76
N CYS B 203 -13.85 12.61 -16.99
CA CYS B 203 -12.57 11.94 -16.83
C CYS B 203 -12.60 11.10 -15.57
N ASN B 204 -12.15 9.87 -15.70
CA ASN B 204 -12.16 8.92 -14.60
C ASN B 204 -10.75 8.74 -14.08
N VAL B 205 -10.50 9.23 -12.87
CA VAL B 205 -9.16 9.19 -12.28
C VAL B 205 -9.07 8.20 -11.14
N ASN B 206 -8.09 7.30 -11.22
CA ASN B 206 -7.85 6.34 -10.17
C ASN B 206 -6.42 6.44 -9.66
N HIS B 207 -6.26 6.66 -8.35
CA HIS B 207 -4.97 6.66 -7.70
C HIS B 207 -4.97 5.58 -6.64
N LYS B 208 -4.63 4.36 -7.03
CA LYS B 208 -4.74 3.21 -6.13
C LYS B 208 -3.91 3.35 -4.85
N PRO B 209 -2.69 3.92 -4.95
CA PRO B 209 -1.87 4.09 -3.74
C PRO B 209 -2.58 4.82 -2.59
N SER B 210 -3.49 5.74 -2.90
CA SER B 210 -4.22 6.47 -1.85
C SER B 210 -5.68 6.03 -1.76
N ASN B 211 -6.04 5.00 -2.51
CA ASN B 211 -7.42 4.52 -2.56
C ASN B 211 -8.36 5.66 -2.99
N THR B 212 -7.89 6.47 -3.93
CA THR B 212 -8.69 7.60 -4.40
C THR B 212 -9.27 7.33 -5.77
N LYS B 213 -10.56 7.60 -5.90
CA LYS B 213 -11.28 7.39 -7.15
C LYS B 213 -12.08 8.66 -7.41
N VAL B 214 -11.87 9.29 -8.57
CA VAL B 214 -12.54 10.53 -8.88
C VAL B 214 -13.10 10.52 -10.29
N ASP B 215 -14.38 10.84 -10.42
CA ASP B 215 -15.01 11.06 -11.72
C ASP B 215 -15.36 12.53 -11.83
N LYS B 216 -14.74 13.24 -12.78
CA LYS B 216 -14.96 14.67 -12.91
C LYS B 216 -15.58 15.01 -14.25
N LYS B 217 -16.75 15.63 -14.22
CA LYS B 217 -17.42 16.07 -15.44
C LYS B 217 -16.82 17.40 -15.88
N VAL B 218 -16.45 17.48 -17.15
CA VAL B 218 -15.88 18.70 -17.70
C VAL B 218 -16.92 19.42 -18.56
N GLU B 219 -17.33 20.60 -18.13
CA GLU B 219 -18.35 21.38 -18.84
C GLU B 219 -17.77 22.66 -19.43
N PRO B 220 -18.32 23.08 -20.58
CA PRO B 220 -17.90 24.33 -21.22
C PRO B 220 -18.41 25.55 -20.46
N ASP C 1 -27.01 -23.52 8.49
CA ASP C 1 -25.73 -23.84 9.10
C ASP C 1 -25.92 -24.31 10.54
N ILE C 2 -25.01 -25.17 11.01
CA ILE C 2 -25.03 -25.59 12.41
C ILE C 2 -24.43 -24.50 13.28
N GLN C 3 -25.18 -24.05 14.27
CA GLN C 3 -24.70 -22.98 15.15
C GLN C 3 -24.02 -23.52 16.41
N MET C 4 -22.96 -22.85 16.83
CA MET C 4 -22.28 -23.19 18.07
C MET C 4 -22.47 -22.06 19.07
N THR C 5 -23.24 -22.33 20.11
CA THR C 5 -23.51 -21.34 21.13
C THR C 5 -22.57 -21.51 22.30
N GLN C 6 -21.65 -20.56 22.43
CA GLN C 6 -20.57 -20.67 23.40
C GLN C 6 -20.87 -19.80 24.61
N SER C 7 -20.53 -20.29 25.80
CA SER C 7 -20.70 -19.51 27.01
C SER C 7 -19.66 -19.89 28.04
N PRO C 8 -19.28 -18.93 28.90
CA PRO C 8 -19.76 -17.56 28.84
C PRO C 8 -18.98 -16.71 27.84
N SER C 9 -19.46 -15.50 27.56
CA SER C 9 -18.76 -14.64 26.62
C SER C 9 -17.43 -14.18 27.20
N SER C 10 -17.37 -14.06 28.53
CA SER C 10 -16.11 -13.73 29.20
C SER C 10 -16.10 -14.21 30.64
N LEU C 11 -14.90 -14.33 31.21
CA LEU C 11 -14.77 -14.76 32.60
C LEU C 11 -13.42 -14.36 33.18
N SER C 12 -13.40 -14.13 34.49
CA SER C 12 -12.16 -13.81 35.19
C SER C 12 -11.82 -14.92 36.17
N ALA C 13 -10.55 -15.31 36.19
CA ALA C 13 -10.09 -16.39 37.05
C ALA C 13 -8.68 -16.11 37.56
N SER C 14 -8.32 -16.76 38.66
CA SER C 14 -6.97 -16.64 39.22
C SER C 14 -6.14 -17.83 38.77
N VAL C 15 -4.81 -17.69 38.81
CA VAL C 15 -3.93 -18.81 38.48
C VAL C 15 -4.18 -19.98 39.44
N GLY C 16 -4.22 -21.19 38.90
CA GLY C 16 -4.47 -22.37 39.71
C GLY C 16 -5.93 -22.80 39.67
N ASP C 17 -6.79 -21.86 39.31
CA ASP C 17 -8.22 -22.12 39.22
C ASP C 17 -8.58 -23.16 38.16
N ARG C 18 -9.72 -23.80 38.35
CA ARG C 18 -10.27 -24.72 37.36
C ARG C 18 -11.29 -23.96 36.51
N VAL C 19 -11.04 -23.88 35.20
CA VAL C 19 -11.87 -23.07 34.32
C VAL C 19 -12.69 -23.94 33.38
N THR C 20 -13.96 -23.59 33.22
CA THR C 20 -14.87 -24.37 32.40
C THR C 20 -15.50 -23.51 31.32
N ILE C 21 -15.33 -23.93 30.07
CA ILE C 21 -15.91 -23.25 28.93
C ILE C 21 -16.82 -24.22 28.18
N THR C 22 -18.04 -23.78 27.88
CA THR C 22 -19.00 -24.68 27.25
C THR C 22 -19.46 -24.18 25.88
N CYS C 23 -19.93 -25.12 25.07
CA CYS C 23 -20.33 -24.83 23.70
C CYS C 23 -21.40 -25.83 23.31
N ARG C 24 -22.55 -25.34 22.87
CA ARG C 24 -23.66 -26.20 22.52
C ARG C 24 -23.97 -26.12 21.04
N ALA C 25 -23.91 -27.26 20.36
CA ALA C 25 -24.23 -27.31 18.93
C ALA C 25 -25.75 -27.29 18.73
N SER C 26 -26.20 -26.64 17.66
CA SER C 26 -27.64 -26.53 17.40
C SER C 26 -28.23 -27.87 16.95
N GLN C 27 -27.36 -28.82 16.66
CA GLN C 27 -27.77 -30.17 16.33
C GLN C 27 -26.59 -31.13 16.45
N ASP C 28 -26.84 -32.42 16.25
CA ASP C 28 -25.79 -33.41 16.38
C ASP C 28 -24.61 -33.14 15.47
N VAL C 29 -23.41 -33.11 16.03
CA VAL C 29 -22.19 -32.93 15.25
C VAL C 29 -21.22 -34.05 15.56
N ASN C 30 -21.73 -35.11 16.18
CA ASN C 30 -20.90 -36.23 16.60
C ASN C 30 -19.78 -35.71 17.50
N THR C 31 -18.55 -36.13 17.21
CA THR C 31 -17.39 -35.62 17.95
C THR C 31 -16.54 -34.71 17.08
N ALA C 32 -17.13 -34.20 16.01
CA ALA C 32 -16.40 -33.36 15.06
C ALA C 32 -16.30 -31.92 15.58
N VAL C 33 -15.62 -31.76 16.71
CA VAL C 33 -15.45 -30.45 17.33
C VAL C 33 -13.98 -30.22 17.70
N ALA C 34 -13.52 -28.99 17.50
CA ALA C 34 -12.17 -28.60 17.89
C ALA C 34 -12.23 -27.37 18.78
N TRP C 35 -11.21 -27.18 19.61
CA TRP C 35 -11.09 -25.98 20.42
C TRP C 35 -9.82 -25.21 20.07
N TYR C 36 -9.93 -23.90 19.98
CA TYR C 36 -8.78 -23.06 19.63
C TYR C 36 -8.53 -21.99 20.69
N GLN C 37 -7.28 -21.54 20.76
CA GLN C 37 -6.90 -20.46 21.64
C GLN C 37 -6.35 -19.31 20.80
N GLN C 38 -6.82 -18.09 21.05
CA GLN C 38 -6.30 -16.95 20.30
C GLN C 38 -5.93 -15.78 21.20
N LYS C 39 -4.70 -15.29 21.04
CA LYS C 39 -4.24 -14.11 21.75
C LYS C 39 -4.26 -12.91 20.81
N PRO C 40 -4.38 -11.70 21.36
CA PRO C 40 -4.48 -10.48 20.54
C PRO C 40 -3.37 -10.38 19.50
N GLY C 41 -3.76 -10.04 18.27
CA GLY C 41 -2.81 -9.88 17.17
C GLY C 41 -2.21 -11.18 16.66
N LYS C 42 -2.67 -12.30 17.19
CA LYS C 42 -2.12 -13.61 16.82
C LYS C 42 -3.17 -14.51 16.16
N ALA C 43 -2.71 -15.51 15.43
CA ALA C 43 -3.60 -16.49 14.83
C ALA C 43 -4.08 -17.49 15.86
N PRO C 44 -5.25 -18.10 15.62
CA PRO C 44 -5.76 -19.17 16.48
C PRO C 44 -4.78 -20.35 16.53
N LYS C 45 -4.72 -21.01 17.68
CA LYS C 45 -3.90 -22.21 17.84
C LYS C 45 -4.78 -23.38 18.30
N LEU C 46 -4.56 -24.55 17.73
CA LEU C 46 -5.35 -25.73 18.07
C LEU C 46 -5.02 -26.26 19.46
N LEU C 47 -6.06 -26.56 20.23
CA LEU C 47 -5.90 -27.12 21.58
C LEU C 47 -6.41 -28.56 21.64
N ILE C 48 -7.64 -28.74 21.19
CA ILE C 48 -8.36 -30.00 21.30
C ILE C 48 -8.96 -30.38 19.96
N TYR C 49 -8.81 -31.63 19.55
CA TYR C 49 -9.45 -32.10 18.32
C TYR C 49 -10.34 -33.31 18.60
N SER C 50 -11.29 -33.54 17.71
CA SER C 50 -12.28 -34.61 17.89
C SER C 50 -12.89 -34.59 19.30
N ALA C 51 -13.27 -33.39 19.73
CA ALA C 51 -13.98 -33.19 20.99
C ALA C 51 -13.13 -33.40 22.25
N SER C 52 -12.30 -34.44 22.27
CA SER C 52 -11.65 -34.82 23.53
C SER C 52 -10.17 -35.21 23.44
N PHE C 53 -9.56 -35.03 22.28
CA PHE C 53 -8.15 -35.38 22.12
C PHE C 53 -7.24 -34.18 22.28
N LEU C 54 -6.20 -34.31 23.11
CA LEU C 54 -5.26 -33.23 23.34
C LEU C 54 -4.26 -33.13 22.20
N TYR C 55 -4.22 -31.97 21.55
CA TYR C 55 -3.33 -31.77 20.43
C TYR C 55 -1.87 -31.78 20.89
N SER C 56 -0.99 -32.34 20.06
CA SER C 56 0.43 -32.45 20.38
C SER C 56 1.05 -31.11 20.75
N GLY C 57 1.77 -31.08 21.87
CA GLY C 57 2.47 -29.89 22.30
C GLY C 57 1.65 -29.03 23.25
N VAL C 58 0.37 -29.37 23.36
CA VAL C 58 -0.53 -28.63 24.25
C VAL C 58 -0.48 -29.22 25.66
N PRO C 59 -0.34 -28.36 26.67
CA PRO C 59 -0.22 -28.75 28.08
C PRO C 59 -1.35 -29.65 28.56
N SER C 60 -1.06 -30.48 29.55
CA SER C 60 -2.00 -31.48 30.03
C SER C 60 -3.21 -30.86 30.72
N ARG C 61 -3.06 -29.63 31.18
CA ARG C 61 -4.14 -28.96 31.92
C ARG C 61 -5.35 -28.68 31.03
N PHE C 62 -5.16 -28.75 29.72
CA PHE C 62 -6.27 -28.58 28.79
C PHE C 62 -6.92 -29.92 28.47
N SER C 63 -8.24 -29.98 28.58
CA SER C 63 -8.98 -31.18 28.20
C SER C 63 -10.33 -30.83 27.61
N GLY C 64 -10.88 -31.75 26.81
CA GLY C 64 -12.16 -31.56 26.18
C GLY C 64 -13.09 -32.72 26.43
N SER C 65 -14.39 -32.43 26.51
CA SER C 65 -15.37 -33.46 26.78
C SER C 65 -16.63 -33.26 25.93
N ARG C 66 -17.32 -34.36 25.65
CA ARG C 66 -18.58 -34.28 24.93
C ARG C 66 -19.71 -34.92 25.72
N SER C 67 -20.87 -34.27 25.71
CA SER C 67 -22.09 -34.83 26.24
C SER C 67 -23.25 -34.50 25.31
N GLY C 68 -23.51 -35.40 24.37
CA GLY C 68 -24.51 -35.16 23.34
C GLY C 68 -24.10 -34.00 22.45
N THR C 69 -24.87 -32.93 22.51
CA THR C 69 -24.57 -31.74 21.71
C THR C 69 -23.84 -30.66 22.52
N ASP C 70 -23.46 -31.00 23.75
CA ASP C 70 -22.74 -30.07 24.60
C ASP C 70 -21.26 -30.43 24.68
N PHE C 71 -20.42 -29.43 24.41
CA PHE C 71 -18.98 -29.62 24.42
C PHE C 71 -18.34 -28.71 25.46
N THR C 72 -17.37 -29.26 26.18
CA THR C 72 -16.79 -28.58 27.32
C THR C 72 -15.27 -28.55 27.23
N LEU C 73 -14.71 -27.35 27.27
CA LEU C 73 -13.28 -27.18 27.41
C LEU C 73 -12.95 -26.92 28.88
N THR C 74 -12.03 -27.71 29.42
CA THR C 74 -11.61 -27.55 30.81
C THR C 74 -10.13 -27.22 30.93
N ILE C 75 -9.83 -26.20 31.72
CA ILE C 75 -8.46 -25.91 32.12
C ILE C 75 -8.35 -26.24 33.61
N SER C 76 -7.64 -27.31 33.94
CA SER C 76 -7.61 -27.80 35.32
C SER C 76 -6.94 -26.81 36.26
N SER C 77 -5.83 -26.23 35.81
CA SER C 77 -5.10 -25.25 36.62
C SER C 77 -4.64 -24.07 35.77
N LEU C 78 -5.43 -23.00 35.79
CA LEU C 78 -5.17 -21.84 34.92
C LEU C 78 -3.79 -21.24 35.16
N GLN C 79 -3.01 -21.17 34.08
CA GLN C 79 -1.65 -20.60 34.13
C GLN C 79 -1.64 -19.19 33.53
N PRO C 80 -0.60 -18.41 33.84
CA PRO C 80 -0.51 -17.01 33.43
C PRO C 80 -0.52 -16.81 31.91
N GLU C 81 -0.09 -17.84 31.18
CA GLU C 81 -0.05 -17.76 29.72
C GLU C 81 -1.33 -18.29 29.09
N ASP C 82 -2.29 -18.66 29.93
CA ASP C 82 -3.55 -19.24 29.44
C ASP C 82 -4.62 -18.18 29.22
N PHE C 83 -4.29 -16.93 29.52
CA PHE C 83 -5.26 -15.87 29.36
C PHE C 83 -5.32 -15.45 27.89
N ALA C 84 -6.52 -15.58 27.32
CA ALA C 84 -6.72 -15.48 25.89
C ALA C 84 -8.20 -15.62 25.57
N THR C 85 -8.55 -15.61 24.29
CA THR C 85 -9.91 -15.91 23.90
C THR C 85 -9.95 -17.34 23.35
N TYR C 86 -10.96 -18.10 23.77
CA TYR C 86 -11.09 -19.49 23.34
C TYR C 86 -12.31 -19.65 22.44
N TYR C 87 -12.16 -20.44 21.38
CA TYR C 87 -13.23 -20.70 20.43
C TYR C 87 -13.49 -22.19 20.26
N CYS C 88 -14.76 -22.58 20.26
CA CYS C 88 -15.13 -23.91 19.79
C CYS C 88 -15.44 -23.86 18.30
N GLN C 89 -15.40 -25.02 17.66
CA GLN C 89 -15.69 -25.12 16.24
C GLN C 89 -16.27 -26.49 15.91
N GLN C 90 -17.33 -26.53 15.10
CA GLN C 90 -17.79 -27.82 14.57
C GLN C 90 -17.35 -27.91 13.12
N HIS C 91 -16.96 -29.12 12.72
CA HIS C 91 -16.62 -29.37 11.33
C HIS C 91 -17.31 -30.65 10.87
N TYR C 92 -18.49 -30.88 11.45
CA TYR C 92 -19.33 -32.01 11.08
C TYR C 92 -19.89 -31.83 9.68
N THR C 93 -20.26 -30.59 9.35
CA THR C 93 -20.77 -30.27 8.03
C THR C 93 -20.21 -28.95 7.52
N THR C 94 -20.39 -28.68 6.24
CA THR C 94 -20.01 -27.40 5.64
C THR C 94 -21.21 -26.45 5.69
N PRO C 95 -21.00 -25.20 6.11
CA PRO C 95 -19.72 -24.64 6.55
C PRO C 95 -19.34 -25.04 7.97
N PRO C 96 -18.04 -25.18 8.23
CA PRO C 96 -17.61 -25.28 9.62
C PRO C 96 -17.94 -23.96 10.31
N THR C 97 -18.37 -24.01 11.56
CA THR C 97 -18.75 -22.79 12.27
C THR C 97 -18.09 -22.71 13.64
N PHE C 98 -17.92 -21.49 14.11
CA PHE C 98 -17.24 -21.21 15.37
C PHE C 98 -18.21 -20.65 16.39
N GLY C 99 -17.95 -20.92 17.68
CA GLY C 99 -18.64 -20.23 18.75
C GLY C 99 -18.21 -18.78 18.79
N GLN C 100 -18.95 -17.95 19.51
CA GLN C 100 -18.66 -16.52 19.56
C GLN C 100 -17.38 -16.22 20.33
N GLY C 101 -16.87 -17.21 21.06
CA GLY C 101 -15.61 -17.06 21.78
C GLY C 101 -15.79 -16.77 23.26
N THR C 102 -14.76 -17.09 24.05
CA THR C 102 -14.78 -16.82 25.49
C THR C 102 -13.47 -16.15 25.91
N LYS C 103 -13.57 -14.91 26.37
CA LYS C 103 -12.38 -14.18 26.78
C LYS C 103 -12.07 -14.45 28.24
N VAL C 104 -10.93 -15.10 28.49
CA VAL C 104 -10.49 -15.42 29.83
C VAL C 104 -9.47 -14.40 30.31
N GLU C 105 -9.80 -13.69 31.38
CA GLU C 105 -8.91 -12.67 31.90
C GLU C 105 -8.45 -13.01 33.31
N ILE C 106 -7.36 -12.38 33.75
CA ILE C 106 -6.78 -12.68 35.05
C ILE C 106 -7.45 -11.87 36.15
N LYS C 107 -7.92 -12.54 37.18
CA LYS C 107 -8.44 -11.86 38.35
C LYS C 107 -7.26 -11.39 39.19
N ARG C 108 -7.38 -10.20 39.77
CA ARG C 108 -6.37 -9.70 40.69
C ARG C 108 -7.01 -8.75 41.70
N THR C 109 -6.18 -8.22 42.60
CA THR C 109 -6.66 -7.31 43.63
C THR C 109 -7.10 -5.98 43.03
N VAL C 110 -7.93 -5.26 43.78
CA VAL C 110 -8.38 -3.94 43.35
C VAL C 110 -7.21 -2.97 43.31
N ALA C 111 -7.15 -2.19 42.23
CA ALA C 111 -6.14 -1.15 42.07
C ALA C 111 -6.83 0.12 41.62
N ALA C 112 -6.66 1.19 42.38
CA ALA C 112 -7.22 2.48 42.01
C ALA C 112 -6.44 3.07 40.83
N PRO C 113 -7.15 3.78 39.94
CA PRO C 113 -6.43 4.41 38.83
C PRO C 113 -5.74 5.70 39.24
N SER C 114 -4.60 6.00 38.61
CA SER C 114 -4.03 7.33 38.71
CA SER C 114 -4.05 7.34 38.72
C SER C 114 -4.61 8.15 37.56
N VAL C 115 -5.08 9.35 37.87
CA VAL C 115 -5.79 10.12 36.85
C VAL C 115 -5.01 11.35 36.40
N PHE C 116 -5.03 11.60 35.09
CA PHE C 116 -4.36 12.76 34.50
C PHE C 116 -5.27 13.40 33.48
N ILE C 117 -5.22 14.72 33.37
CA ILE C 117 -5.98 15.40 32.33
C ILE C 117 -5.03 16.26 31.50
N PHE C 118 -5.28 16.30 30.18
CA PHE C 118 -4.44 17.03 29.24
C PHE C 118 -5.26 18.02 28.44
N PRO C 119 -4.89 19.30 28.46
CA PRO C 119 -5.56 20.25 27.56
C PRO C 119 -5.13 20.06 26.13
N PRO C 120 -5.90 20.61 25.17
CA PRO C 120 -5.48 20.59 23.77
C PRO C 120 -4.16 21.33 23.59
N SER C 121 -3.31 20.84 22.70
CA SER C 121 -2.09 21.54 22.37
C SER C 121 -2.42 22.82 21.61
N ASP C 122 -1.59 23.85 21.77
CA ASP C 122 -1.78 25.08 21.02
C ASP C 122 -1.72 24.80 19.51
N GLU C 123 -0.93 23.79 19.14
CA GLU C 123 -0.80 23.42 17.73
C GLU C 123 -2.11 22.92 17.16
N GLN C 124 -2.82 22.08 17.92
CA GLN C 124 -4.12 21.61 17.45
C GLN C 124 -5.13 22.74 17.42
N LEU C 125 -5.08 23.61 18.44
CA LEU C 125 -6.03 24.71 18.53
C LEU C 125 -5.98 25.63 17.32
N LYS C 126 -4.77 25.85 16.80
CA LYS C 126 -4.58 26.71 15.64
C LYS C 126 -5.36 26.16 14.44
N SER C 127 -5.55 24.85 14.41
CA SER C 127 -6.27 24.21 13.31
C SER C 127 -7.78 24.31 13.51
N GLY C 128 -8.20 24.74 14.70
CA GLY C 128 -9.60 24.98 14.97
C GLY C 128 -10.36 23.87 15.68
N THR C 129 -9.62 22.89 16.21
CA THR C 129 -10.25 21.81 16.97
C THR C 129 -9.52 21.61 18.29
N ALA C 130 -10.28 21.22 19.31
CA ALA C 130 -9.71 21.00 20.64
C ALA C 130 -10.03 19.60 21.12
N SER C 131 -8.99 18.78 21.29
CA SER C 131 -9.16 17.47 21.91
C SER C 131 -8.68 17.54 23.36
N VAL C 132 -9.56 17.19 24.29
CA VAL C 132 -9.19 17.13 25.69
C VAL C 132 -9.11 15.68 26.11
N VAL C 133 -8.01 15.29 26.74
CA VAL C 133 -7.83 13.87 27.06
C VAL C 133 -7.73 13.60 28.55
N CYS C 134 -8.51 12.63 29.02
CA CYS C 134 -8.45 12.20 30.42
C CYS C 134 -7.91 10.78 30.47
N LEU C 135 -6.89 10.56 31.30
CA LEU C 135 -6.24 9.25 31.38
C LEU C 135 -6.44 8.60 32.75
N LEU C 136 -6.92 7.35 32.73
CA LEU C 136 -6.96 6.52 33.92
C LEU C 136 -5.89 5.45 33.80
N ASN C 137 -4.89 5.52 34.66
CA ASN C 137 -3.69 4.69 34.50
C ASN C 137 -3.63 3.52 35.46
N ASN C 138 -3.59 2.31 34.90
CA ASN C 138 -3.33 1.08 35.65
C ASN C 138 -4.29 0.82 36.80
N PHE C 139 -5.53 0.48 36.46
CA PHE C 139 -6.55 0.24 37.48
C PHE C 139 -7.19 -1.14 37.30
N TYR C 140 -7.93 -1.58 38.32
CA TYR C 140 -8.65 -2.86 38.30
C TYR C 140 -9.71 -2.84 39.37
N PRO C 141 -10.93 -3.34 39.05
CA PRO C 141 -11.29 -3.99 37.80
C PRO C 141 -11.52 -3.02 36.64
N ARG C 142 -11.92 -3.56 35.50
CA ARG C 142 -12.08 -2.78 34.27
C ARG C 142 -13.14 -1.71 34.40
N GLU C 143 -14.19 -2.02 35.16
CA GLU C 143 -15.34 -1.13 35.26
C GLU C 143 -14.98 0.20 35.92
N ALA C 144 -15.36 1.29 35.26
CA ALA C 144 -15.07 2.63 35.76
C ALA C 144 -15.98 3.65 35.09
N LYS C 145 -16.29 4.73 35.81
CA LYS C 145 -17.13 5.78 35.27
C LYS C 145 -16.33 7.07 35.13
N VAL C 146 -16.31 7.60 33.91
CA VAL C 146 -15.62 8.85 33.62
C VAL C 146 -16.64 9.88 33.19
N GLN C 147 -16.75 10.95 33.96
CA GLN C 147 -17.69 12.01 33.64
C GLN C 147 -16.97 13.32 33.38
N TRP C 148 -17.22 13.92 32.23
CA TRP C 148 -16.66 15.21 31.90
C TRP C 148 -17.51 16.32 32.50
N LYS C 149 -16.84 17.33 33.04
CA LYS C 149 -17.53 18.51 33.56
C LYS C 149 -16.87 19.77 33.02
N VAL C 150 -17.69 20.69 32.53
CA VAL C 150 -17.20 21.97 32.05
CA VAL C 150 -17.20 21.96 32.06
C VAL C 150 -17.80 23.09 32.88
N ASP C 151 -16.95 23.79 33.64
CA ASP C 151 -17.41 24.80 34.57
C ASP C 151 -18.43 24.17 35.53
N ASN C 152 -18.08 22.98 36.02
CA ASN C 152 -18.87 22.25 37.00
C ASN C 152 -20.20 21.75 36.44
N ALA C 153 -20.41 21.94 35.14
CA ALA C 153 -21.60 21.42 34.48
C ALA C 153 -21.29 20.09 33.81
N LEU C 154 -22.16 19.10 34.02
CA LEU C 154 -22.00 17.77 33.45
C LEU C 154 -22.11 17.82 31.94
N LYS C 155 -21.12 17.25 31.26
CA LYS C 155 -21.16 17.13 29.80
C LYS C 155 -21.19 15.65 29.42
N SER C 156 -21.95 15.31 28.38
CA SER C 156 -22.09 13.92 27.98
C SER C 156 -22.67 13.74 26.58
N GLY C 157 -21.79 13.61 25.59
CA GLY C 157 -22.23 13.35 24.23
C GLY C 157 -21.15 13.48 23.19
N ASN C 158 -19.99 14.02 23.59
CA ASN C 158 -18.89 14.26 22.67
C ASN C 158 -17.58 13.65 23.11
N SER C 159 -17.64 12.57 23.87
CA SER C 159 -16.41 11.92 24.30
C SER C 159 -16.40 10.45 23.89
N GLN C 160 -15.22 9.94 23.62
CA GLN C 160 -15.05 8.53 23.28
C GLN C 160 -14.03 7.89 24.22
N GLU C 161 -14.29 6.63 24.58
CA GLU C 161 -13.39 5.91 25.48
C GLU C 161 -12.63 4.81 24.73
N SER C 162 -11.40 4.56 25.16
CA SER C 162 -10.62 3.42 24.68
C SER C 162 -9.92 2.77 25.88
N VAL C 163 -9.92 1.44 25.90
CA VAL C 163 -9.34 0.72 27.04
C VAL C 163 -8.31 -0.29 26.54
N THR C 164 -7.16 -0.34 27.20
CA THR C 164 -6.14 -1.31 26.82
C THR C 164 -6.51 -2.73 27.23
N GLU C 165 -5.82 -3.70 26.66
CA GLU C 165 -5.90 -5.08 27.14
C GLU C 165 -5.23 -5.16 28.51
N GLN C 166 -5.50 -6.23 29.23
CA GLN C 166 -4.86 -6.42 30.53
C GLN C 166 -3.35 -6.41 30.40
N ASP C 167 -2.70 -5.67 31.28
CA ASP C 167 -1.25 -5.55 31.23
C ASP C 167 -0.57 -6.86 31.61
N SER C 168 0.43 -7.26 30.84
CA SER C 168 1.10 -8.54 31.04
C SER C 168 1.94 -8.57 32.31
N LYS C 169 2.19 -7.40 32.90
CA LYS C 169 3.02 -7.33 34.09
C LYS C 169 2.20 -7.21 35.38
N ASP C 170 1.25 -6.30 35.43
CA ASP C 170 0.46 -6.12 36.66
C ASP C 170 -1.02 -6.44 36.48
N SER C 171 -1.41 -6.90 35.30
CA SER C 171 -2.79 -7.35 35.06
C SER C 171 -3.81 -6.23 35.23
N THR C 172 -3.37 -4.98 35.10
CA THR C 172 -4.28 -3.84 35.20
C THR C 172 -4.80 -3.40 33.84
N TYR C 173 -5.74 -2.46 33.86
CA TYR C 173 -6.25 -1.81 32.66
C TYR C 173 -5.88 -0.34 32.67
N SER C 174 -5.84 0.26 31.48
CA SER C 174 -5.76 1.71 31.39
C SER C 174 -6.84 2.19 30.42
N LEU C 175 -7.27 3.44 30.59
CA LEU C 175 -8.39 3.94 29.82
C LEU C 175 -8.15 5.39 29.46
N SER C 176 -8.50 5.74 28.23
CA SER C 176 -8.49 7.12 27.80
C SER C 176 -9.91 7.57 27.51
N SER C 177 -10.23 8.80 27.90
CA SER C 177 -11.48 9.42 27.51
C SER C 177 -11.12 10.72 26.80
N THR C 178 -11.64 10.89 25.59
CA THR C 178 -11.28 12.05 24.78
C THR C 178 -12.51 12.87 24.43
N LEU C 179 -12.50 14.12 24.88
CA LEU C 179 -13.58 15.06 24.60
C LEU C 179 -13.17 15.94 23.44
N THR C 180 -13.97 15.98 22.39
CA THR C 180 -13.61 16.77 21.22
C THR C 180 -14.58 17.92 20.97
N LEU C 181 -14.03 19.12 20.83
CA LEU C 181 -14.81 20.32 20.64
C LEU C 181 -14.20 21.18 19.54
N SER C 182 -15.01 22.01 18.90
CA SER C 182 -14.47 23.05 18.04
C SER C 182 -13.68 24.04 18.90
N LYS C 183 -12.78 24.77 18.29
CA LYS C 183 -12.05 25.81 19.00
C LYS C 183 -13.02 26.83 19.60
N ALA C 184 -14.08 27.15 18.85
CA ALA C 184 -15.07 28.13 19.29
C ALA C 184 -15.74 27.70 20.59
N ASP C 185 -16.22 26.46 20.62
CA ASP C 185 -16.91 25.95 21.79
C ASP C 185 -15.97 25.83 22.97
N TYR C 186 -14.78 25.32 22.71
CA TYR C 186 -13.75 25.17 23.75
C TYR C 186 -13.49 26.47 24.48
N GLU C 187 -13.47 27.58 23.74
CA GLU C 187 -13.17 28.89 24.32
C GLU C 187 -14.37 29.56 24.98
N LYS C 188 -15.51 28.89 25.00
CA LYS C 188 -16.68 29.43 25.67
C LYS C 188 -16.75 28.94 27.11
N HIS C 189 -15.76 28.15 27.52
CA HIS C 189 -15.73 27.60 28.86
C HIS C 189 -14.37 27.80 29.51
N LYS C 190 -14.34 27.76 30.84
CA LYS C 190 -13.13 28.03 31.59
C LYS C 190 -12.49 26.76 32.17
N VAL C 191 -13.18 26.12 33.10
CA VAL C 191 -12.62 24.96 33.79
C VAL C 191 -13.06 23.63 33.18
N TYR C 192 -12.07 22.83 32.76
CA TYR C 192 -12.32 21.50 32.23
C TYR C 192 -11.91 20.45 33.24
N ALA C 193 -12.78 19.48 33.48
CA ALA C 193 -12.51 18.45 34.49
C ALA C 193 -13.06 17.10 34.08
N CYS C 194 -12.36 16.04 34.47
CA CYS C 194 -12.94 14.70 34.39
C CYS C 194 -13.02 14.14 35.80
N GLU C 195 -14.19 13.62 36.13
CA GLU C 195 -14.42 13.03 37.45
C GLU C 195 -14.45 11.53 37.29
N VAL C 196 -13.66 10.85 38.10
CA VAL C 196 -13.53 9.40 37.98
C VAL C 196 -14.08 8.67 39.18
N THR C 197 -14.93 7.69 38.92
CA THR C 197 -15.47 6.82 39.96
CA THR C 197 -15.43 6.83 39.99
C THR C 197 -14.96 5.40 39.73
N HIS C 198 -14.38 4.81 40.76
CA HIS C 198 -13.84 3.46 40.65
C HIS C 198 -13.83 2.77 42.01
N GLN C 199 -13.95 1.45 41.99
CA GLN C 199 -13.98 0.66 43.22
C GLN C 199 -12.80 0.96 44.15
N GLY C 200 -11.65 1.26 43.56
CA GLY C 200 -10.44 1.49 44.33
C GLY C 200 -10.36 2.88 44.94
N LEU C 201 -11.34 3.73 44.62
CA LEU C 201 -11.38 5.08 45.15
C LEU C 201 -12.49 5.24 46.19
N SER C 202 -12.12 5.62 47.41
CA SER C 202 -13.10 5.79 48.49
C SER C 202 -14.13 6.85 48.12
N SER C 203 -13.73 7.79 47.27
CA SER C 203 -14.64 8.80 46.73
C SER C 203 -14.09 9.26 45.38
N PRO C 204 -14.98 9.76 44.50
CA PRO C 204 -14.59 10.12 43.14
C PRO C 204 -13.44 11.12 43.09
N VAL C 205 -12.52 10.89 42.16
CA VAL C 205 -11.39 11.78 41.97
C VAL C 205 -11.63 12.68 40.76
N THR C 206 -11.34 13.97 40.93
CA THR C 206 -11.50 14.92 39.85
C THR C 206 -10.16 15.56 39.52
N LYS C 207 -9.78 15.55 38.25
CA LYS C 207 -8.63 16.29 37.78
C LYS C 207 -9.14 17.36 36.83
N SER C 208 -8.56 18.55 36.90
CA SER C 208 -9.04 19.65 36.09
C SER C 208 -7.91 20.58 35.66
N PHE C 209 -8.20 21.42 34.69
CA PHE C 209 -7.30 22.51 34.35
C PHE C 209 -8.11 23.74 34.00
N ASN C 210 -7.48 24.89 34.14
CA ASN C 210 -8.07 26.14 33.70
C ASN C 210 -7.60 26.43 32.29
N ARG C 211 -8.54 26.63 31.37
CA ARG C 211 -8.17 26.86 29.97
C ARG C 211 -7.21 28.03 29.83
N GLY C 212 -6.07 27.77 29.18
CA GLY C 212 -5.11 28.83 28.91
C GLY C 212 -3.98 28.89 29.92
N GLU C 213 -4.18 28.29 31.09
CA GLU C 213 -3.18 28.37 32.14
C GLU C 213 -2.05 27.38 31.94
N CYS C 214 -0.87 27.76 32.39
CA CYS C 214 0.26 26.85 32.48
C CYS C 214 1.43 27.51 33.21
N GLU D 1 9.22 -27.46 10.11
CA GLU D 1 7.96 -27.03 10.68
C GLU D 1 6.97 -26.64 9.59
N VAL D 2 5.70 -27.01 9.79
CA VAL D 2 4.64 -26.56 8.91
C VAL D 2 4.49 -25.04 9.03
N GLN D 3 4.29 -24.38 7.90
CA GLN D 3 4.17 -22.94 7.89
C GLN D 3 3.23 -22.48 6.76
N LEU D 4 2.40 -21.50 7.06
CA LEU D 4 1.52 -20.90 6.06
C LEU D 4 1.72 -19.40 6.09
N VAL D 5 1.91 -18.80 4.92
CA VAL D 5 2.14 -17.36 4.84
C VAL D 5 1.21 -16.68 3.84
N GLU D 6 0.30 -15.86 4.36
CA GLU D 6 -0.61 -15.10 3.51
C GLU D 6 0.02 -13.80 3.04
N SER D 7 -0.41 -13.35 1.86
CA SER D 7 -0.02 -12.04 1.37
C SER D 7 -1.10 -11.50 0.43
N GLY D 8 -1.01 -10.21 0.11
CA GLY D 8 -1.91 -9.63 -0.86
C GLY D 8 -2.95 -8.69 -0.29
N GLY D 9 -2.99 -8.57 1.03
CA GLY D 9 -3.94 -7.70 1.69
C GLY D 9 -3.73 -6.24 1.33
N GLY D 10 -4.72 -5.41 1.61
CA GLY D 10 -4.59 -3.99 1.36
C GLY D 10 -5.92 -3.26 1.48
N LEU D 11 -5.91 -2.00 1.08
CA LEU D 11 -7.11 -1.17 1.10
C LEU D 11 -7.66 -1.06 -0.30
N VAL D 12 -8.94 -1.39 -0.46
CA VAL D 12 -9.58 -1.35 -1.77
C VAL D 12 -10.98 -0.75 -1.69
N GLN D 13 -11.47 -0.26 -2.82
CA GLN D 13 -12.80 0.32 -2.89
C GLN D 13 -13.89 -0.75 -2.89
N PRO D 14 -15.06 -0.43 -2.34
CA PRO D 14 -16.24 -1.29 -2.51
C PRO D 14 -16.51 -1.52 -3.99
N GLY D 15 -16.83 -2.75 -4.36
CA GLY D 15 -17.06 -3.09 -5.76
C GLY D 15 -15.78 -3.56 -6.44
N GLY D 16 -14.66 -3.45 -5.73
CA GLY D 16 -13.36 -3.78 -6.29
C GLY D 16 -12.96 -5.23 -6.14
N SER D 17 -11.72 -5.52 -6.55
CA SER D 17 -11.18 -6.88 -6.53
C SER D 17 -9.84 -6.92 -5.83
N LEU D 18 -9.49 -8.07 -5.29
CA LEU D 18 -8.20 -8.26 -4.63
C LEU D 18 -7.92 -9.75 -4.62
N ARG D 19 -6.67 -10.13 -4.87
CA ARG D 19 -6.31 -11.54 -4.83
C ARG D 19 -5.33 -11.80 -3.70
N LEU D 20 -5.68 -12.73 -2.82
CA LEU D 20 -4.78 -13.13 -1.74
C LEU D 20 -4.06 -14.41 -2.10
N SER D 21 -2.87 -14.59 -1.52
CA SER D 21 -2.09 -15.80 -1.72
C SER D 21 -1.75 -16.44 -0.37
N CYS D 22 -1.62 -17.76 -0.38
CA CYS D 22 -1.25 -18.51 0.82
C CYS D 22 -0.14 -19.49 0.45
N ALA D 23 1.08 -19.20 0.86
CA ALA D 23 2.22 -20.06 0.52
C ALA D 23 2.48 -21.05 1.64
N ALA D 24 2.49 -22.33 1.30
CA ALA D 24 2.67 -23.38 2.29
C ALA D 24 4.11 -23.91 2.31
N SER D 25 4.63 -24.13 3.51
CA SER D 25 5.94 -24.75 3.68
C SER D 25 5.84 -25.90 4.66
N GLY D 26 6.70 -26.91 4.49
CA GLY D 26 6.80 -28.00 5.45
C GLY D 26 5.83 -29.13 5.19
N PHE D 27 5.01 -28.98 4.16
CA PHE D 27 4.08 -30.02 3.74
C PHE D 27 3.61 -29.77 2.32
N ASN D 28 3.01 -30.79 1.71
CA ASN D 28 2.49 -30.68 0.35
C ASN D 28 0.99 -30.45 0.38
N ILE D 29 0.52 -29.40 -0.30
CA ILE D 29 -0.88 -29.03 -0.16
C ILE D 29 -1.82 -30.02 -0.87
N LYS D 30 -1.28 -30.86 -1.74
CA LYS D 30 -2.13 -31.84 -2.41
C LYS D 30 -2.52 -32.94 -1.41
N ASP D 31 -1.89 -32.92 -0.25
CA ASP D 31 -2.16 -33.92 0.77
C ASP D 31 -3.31 -33.54 1.70
N THR D 32 -3.89 -32.36 1.53
CA THR D 32 -4.93 -31.93 2.45
C THR D 32 -5.86 -30.86 1.88
N TYR D 33 -6.70 -30.33 2.74
CA TYR D 33 -7.56 -29.19 2.40
C TYR D 33 -6.92 -27.89 2.87
N ILE D 34 -7.07 -26.84 2.07
CA ILE D 34 -6.66 -25.50 2.46
C ILE D 34 -7.92 -24.66 2.64
N HIS D 35 -7.97 -23.89 3.71
CA HIS D 35 -9.11 -23.00 3.99
C HIS D 35 -8.72 -21.55 4.05
N TRP D 36 -9.69 -20.68 3.78
CA TRP D 36 -9.59 -19.29 4.18
C TRP D 36 -10.63 -19.03 5.27
N VAL D 37 -10.19 -18.37 6.33
CA VAL D 37 -11.03 -18.04 7.47
C VAL D 37 -10.77 -16.58 7.81
N ARG D 38 -11.83 -15.79 8.02
CA ARG D 38 -11.60 -14.38 8.26
C ARG D 38 -12.10 -13.93 9.62
N GLN D 39 -11.58 -12.78 10.05
CA GLN D 39 -11.88 -12.22 11.36
C GLN D 39 -11.95 -10.71 11.25
N ALA D 40 -13.15 -10.15 11.36
CA ALA D 40 -13.33 -8.71 11.42
C ALA D 40 -12.75 -8.21 12.73
N PRO D 41 -12.21 -6.98 12.72
CA PRO D 41 -11.59 -6.38 13.91
C PRO D 41 -12.49 -6.44 15.14
N GLY D 42 -12.02 -7.13 16.18
CA GLY D 42 -12.76 -7.24 17.42
C GLY D 42 -13.90 -8.25 17.37
N LYS D 43 -14.00 -8.99 16.28
CA LYS D 43 -15.07 -9.98 16.10
C LYS D 43 -14.53 -11.41 16.15
N GLY D 44 -15.41 -12.37 15.89
CA GLY D 44 -15.03 -13.78 15.93
C GLY D 44 -14.52 -14.28 14.59
N LEU D 45 -14.50 -15.60 14.43
CA LEU D 45 -13.95 -16.23 13.22
C LEU D 45 -15.05 -16.71 12.28
N GLU D 46 -14.87 -16.48 10.98
CA GLU D 46 -15.84 -16.92 9.99
C GLU D 46 -15.16 -17.63 8.82
N TRP D 47 -15.54 -18.88 8.60
CA TRP D 47 -15.01 -19.67 7.49
C TRP D 47 -15.49 -19.09 6.16
N VAL D 48 -14.59 -19.02 5.19
CA VAL D 48 -14.85 -18.37 3.91
C VAL D 48 -14.93 -19.37 2.76
N ALA D 49 -13.91 -20.22 2.66
CA ALA D 49 -13.85 -21.17 1.55
C ALA D 49 -12.86 -22.29 1.82
N ARG D 50 -12.99 -23.35 1.04
CA ARG D 50 -12.17 -24.54 1.14
C ARG D 50 -11.81 -25.05 -0.25
N ILE D 51 -10.60 -25.59 -0.40
CA ILE D 51 -10.25 -26.26 -1.64
C ILE D 51 -9.42 -27.50 -1.34
N TYR D 52 -9.60 -28.52 -2.18
CA TYR D 52 -8.77 -29.72 -2.12
C TYR D 52 -7.88 -29.66 -3.34
N PRO D 53 -6.62 -29.23 -3.17
CA PRO D 53 -5.80 -28.90 -4.34
C PRO D 53 -5.59 -30.04 -5.34
N THR D 54 -5.71 -31.29 -4.89
CA THR D 54 -5.48 -32.43 -5.76
C THR D 54 -6.50 -32.53 -6.91
N ASN D 55 -7.77 -32.25 -6.63
CA ASN D 55 -8.79 -32.27 -7.68
C ASN D 55 -9.43 -30.90 -7.89
N GLY D 56 -8.99 -29.93 -7.09
CA GLY D 56 -9.49 -28.58 -7.21
C GLY D 56 -10.94 -28.39 -6.77
N TYR D 57 -11.48 -29.36 -6.04
CA TYR D 57 -12.86 -29.24 -5.53
C TYR D 57 -12.94 -28.12 -4.50
N THR D 58 -14.00 -27.32 -4.58
CA THR D 58 -14.15 -26.17 -3.70
C THR D 58 -15.49 -26.12 -2.96
N ARG D 59 -15.49 -25.41 -1.82
CA ARG D 59 -16.72 -25.07 -1.11
C ARG D 59 -16.62 -23.62 -0.63
N TYR D 60 -17.77 -22.95 -0.54
CA TYR D 60 -17.82 -21.54 -0.16
C TYR D 60 -18.85 -21.23 0.91
N ALA D 61 -18.58 -20.19 1.69
CA ALA D 61 -19.60 -19.63 2.58
C ALA D 61 -20.66 -18.95 1.70
N ASP D 62 -21.91 -19.02 2.11
CA ASP D 62 -22.99 -18.45 1.33
C ASP D 62 -22.76 -16.97 1.04
N SER D 63 -22.19 -16.25 2.00
CA SER D 63 -21.98 -14.80 1.87
C SER D 63 -21.01 -14.41 0.76
N VAL D 64 -20.20 -15.36 0.29
CA VAL D 64 -19.19 -15.04 -0.73
C VAL D 64 -19.33 -15.89 -2.00
N LYS D 65 -20.26 -16.83 -2.01
CA LYS D 65 -20.49 -17.66 -3.20
C LYS D 65 -20.68 -16.80 -4.45
N GLY D 66 -20.01 -17.18 -5.53
CA GLY D 66 -20.13 -16.49 -6.80
C GLY D 66 -19.08 -15.42 -7.01
N ARG D 67 -18.88 -14.57 -6.00
CA ARG D 67 -17.98 -13.44 -6.17
C ARG D 67 -16.58 -13.70 -5.62
N PHE D 68 -16.41 -14.71 -4.77
CA PHE D 68 -15.07 -15.16 -4.36
C PHE D 68 -14.73 -16.47 -5.06
N THR D 69 -13.45 -16.64 -5.42
CA THR D 69 -12.97 -17.89 -6.00
C THR D 69 -11.71 -18.36 -5.27
N ILE D 70 -11.78 -19.54 -4.67
CA ILE D 70 -10.58 -20.12 -4.08
C ILE D 70 -9.93 -21.04 -5.12
N SER D 71 -8.61 -21.01 -5.20
CA SER D 71 -7.90 -21.83 -6.17
C SER D 71 -6.56 -22.25 -5.60
N ALA D 72 -5.84 -23.10 -6.33
CA ALA D 72 -4.55 -23.56 -5.87
C ALA D 72 -3.66 -23.97 -7.03
N ASP D 73 -2.36 -23.81 -6.83
CA ASP D 73 -1.35 -24.26 -7.79
C ASP D 73 -0.39 -25.16 -7.03
N THR D 74 -0.54 -26.47 -7.22
CA THR D 74 0.27 -27.43 -6.47
C THR D 74 1.75 -27.31 -6.83
N SER D 75 2.04 -26.95 -8.07
CA SER D 75 3.42 -26.77 -8.49
C SER D 75 4.08 -25.60 -7.76
N LYS D 76 3.27 -24.72 -7.18
CA LYS D 76 3.79 -23.61 -6.38
C LYS D 76 3.50 -23.79 -4.89
N ASN D 77 2.88 -24.91 -4.54
CA ASN D 77 2.47 -25.20 -3.16
C ASN D 77 1.78 -24.00 -2.53
N THR D 78 0.94 -23.33 -3.32
CA THR D 78 0.31 -22.09 -2.91
C THR D 78 -1.17 -22.10 -3.26
N ALA D 79 -1.99 -21.53 -2.39
CA ALA D 79 -3.41 -21.37 -2.65
C ALA D 79 -3.76 -19.89 -2.78
N TYR D 80 -4.90 -19.59 -3.36
CA TYR D 80 -5.29 -18.21 -3.64
C TYR D 80 -6.74 -17.96 -3.29
N LEU D 81 -7.05 -16.71 -2.96
CA LEU D 81 -8.43 -16.30 -2.83
C LEU D 81 -8.65 -15.05 -3.68
N GLN D 82 -9.36 -15.24 -4.78
CA GLN D 82 -9.75 -14.12 -5.64
C GLN D 82 -11.04 -13.53 -5.09
N MET D 83 -10.96 -12.28 -4.65
CA MET D 83 -12.11 -11.59 -4.09
C MET D 83 -12.62 -10.53 -5.06
N ASN D 84 -13.89 -10.66 -5.44
CA ASN D 84 -14.53 -9.70 -6.35
C ASN D 84 -15.77 -9.08 -5.71
N SER D 85 -16.30 -8.05 -6.34
CA SER D 85 -17.48 -7.34 -5.84
C SER D 85 -17.37 -7.11 -4.34
N LEU D 86 -16.22 -6.59 -3.92
CA LEU D 86 -15.94 -6.44 -2.49
C LEU D 86 -16.92 -5.48 -1.81
N ARG D 87 -17.27 -5.82 -0.57
CA ARG D 87 -18.19 -5.04 0.26
C ARG D 87 -17.47 -4.62 1.52
N ALA D 88 -17.93 -3.53 2.14
CA ALA D 88 -17.40 -3.10 3.43
C ALA D 88 -17.42 -4.26 4.43
N GLU D 89 -18.47 -5.08 4.35
CA GLU D 89 -18.66 -6.22 5.23
C GLU D 89 -17.57 -7.29 5.06
N ASP D 90 -16.77 -7.19 4.00
CA ASP D 90 -15.68 -8.13 3.76
C ASP D 90 -14.39 -7.71 4.46
N THR D 91 -14.42 -6.52 5.07
CA THR D 91 -13.25 -6.03 5.80
C THR D 91 -12.90 -7.00 6.92
N ALA D 92 -11.68 -7.51 6.90
CA ALA D 92 -11.24 -8.46 7.92
C ALA D 92 -9.80 -8.84 7.76
N VAL D 93 -9.23 -9.44 8.80
CA VAL D 93 -7.99 -10.20 8.67
C VAL D 93 -8.33 -11.54 8.05
N TYR D 94 -7.65 -11.88 6.96
CA TYR D 94 -7.89 -13.13 6.26
C TYR D 94 -6.78 -14.12 6.58
N TYR D 95 -7.17 -15.22 7.20
CA TYR D 95 -6.25 -16.30 7.52
C TYR D 95 -6.38 -17.46 6.54
N CYS D 96 -5.26 -18.10 6.23
CA CYS D 96 -5.26 -19.36 5.53
CA CYS D 96 -5.36 -19.39 5.56
C CYS D 96 -4.94 -20.47 6.54
N SER D 97 -5.62 -21.60 6.44
CA SER D 97 -5.36 -22.70 7.34
C SER D 97 -5.46 -24.00 6.59
N ARG D 98 -5.12 -25.10 7.25
CA ARG D 98 -5.25 -26.40 6.64
C ARG D 98 -5.97 -27.35 7.57
N TRP D 99 -6.56 -28.39 7.00
CA TRP D 99 -6.94 -29.54 7.80
C TRP D 99 -5.71 -30.42 7.92
N GLY D 100 -5.51 -31.01 9.10
CA GLY D 100 -4.35 -31.84 9.36
C GLY D 100 -4.05 -32.81 8.23
N GLY D 101 -5.10 -33.38 7.65
CA GLY D 101 -4.96 -34.32 6.57
C GLY D 101 -6.07 -35.35 6.57
N ASP D 102 -5.82 -36.49 5.94
CA ASP D 102 -6.81 -37.56 5.87
C ASP D 102 -7.08 -38.15 7.26
N GLY D 103 -8.29 -37.93 7.76
CA GLY D 103 -8.68 -38.42 9.06
C GLY D 103 -8.55 -37.37 10.15
N PHE D 104 -7.80 -36.30 9.85
CA PHE D 104 -7.55 -35.23 10.81
C PHE D 104 -8.17 -33.93 10.29
N TYR D 105 -9.30 -33.52 10.86
CA TYR D 105 -10.06 -32.41 10.29
C TYR D 105 -10.15 -31.20 11.23
N ALA D 106 -9.18 -31.07 12.13
CA ALA D 106 -9.02 -29.82 12.86
C ALA D 106 -8.06 -28.93 12.09
N MET D 107 -8.13 -27.62 12.31
CA MET D 107 -7.23 -26.69 11.66
C MET D 107 -5.97 -26.52 12.50
N ASP D 108 -4.97 -27.36 12.24
CA ASP D 108 -3.81 -27.47 13.13
C ASP D 108 -2.74 -26.41 12.86
N TYR D 109 -2.76 -25.81 11.68
CA TYR D 109 -1.84 -24.71 11.38
C TYR D 109 -2.58 -23.57 10.70
N TRP D 110 -2.25 -22.37 11.16
CA TRP D 110 -2.80 -21.12 10.61
C TRP D 110 -1.66 -20.20 10.23
N GLY D 111 -1.88 -19.37 9.23
CA GLY D 111 -0.93 -18.31 8.92
C GLY D 111 -1.14 -17.15 9.88
N GLN D 112 -0.35 -16.10 9.72
CA GLN D 112 -0.49 -14.98 10.64
CA GLN D 112 -0.41 -14.91 10.57
C GLN D 112 -1.55 -13.97 10.17
N GLY D 113 -2.04 -14.16 8.94
CA GLY D 113 -3.12 -13.35 8.43
C GLY D 113 -2.70 -12.15 7.61
N THR D 114 -3.61 -11.67 6.76
CA THR D 114 -3.36 -10.44 6.00
C THR D 114 -4.63 -9.59 6.06
N LEU D 115 -4.46 -8.30 6.36
CA LEU D 115 -5.59 -7.39 6.56
C LEU D 115 -6.14 -6.87 5.24
N VAL D 116 -7.44 -7.04 5.06
CA VAL D 116 -8.14 -6.50 3.89
C VAL D 116 -9.14 -5.44 4.37
N THR D 117 -9.00 -4.22 3.87
CA THR D 117 -9.93 -3.15 4.25
C THR D 117 -10.68 -2.68 3.02
N VAL D 118 -12.01 -2.72 3.09
CA VAL D 118 -12.86 -2.32 1.98
C VAL D 118 -13.62 -1.05 2.38
N SER D 119 -13.25 0.05 1.75
CA SER D 119 -13.79 1.35 2.13
C SER D 119 -13.71 2.35 0.99
N SER D 120 -14.61 3.32 0.99
CA SER D 120 -14.57 4.39 0.01
C SER D 120 -13.57 5.46 0.41
N ALA D 121 -13.14 5.43 1.67
CA ALA D 121 -12.26 6.48 2.21
C ALA D 121 -10.83 6.37 1.69
N SER D 122 -10.23 7.52 1.40
CA SER D 122 -8.85 7.57 0.94
C SER D 122 -7.88 7.42 2.12
N THR D 123 -6.65 7.02 1.80
CA THR D 123 -5.58 6.98 2.80
C THR D 123 -5.36 8.38 3.33
N LYS D 124 -5.00 8.46 4.60
CA LYS D 124 -4.71 9.74 5.23
C LYS D 124 -3.80 9.52 6.41
N GLY D 125 -2.68 10.23 6.44
CA GLY D 125 -1.73 10.14 7.52
C GLY D 125 -2.20 10.92 8.74
N PRO D 126 -1.73 10.51 9.92
CA PRO D 126 -2.15 11.15 11.17
C PRO D 126 -1.52 12.51 11.43
N SER D 127 -2.27 13.37 12.11
CA SER D 127 -1.68 14.54 12.77
C SER D 127 -1.22 14.06 14.13
N VAL D 128 -0.05 14.51 14.56
CA VAL D 128 0.47 14.10 15.86
C VAL D 128 0.62 15.34 16.75
N PHE D 129 -0.09 15.34 17.87
CA PHE D 129 -0.07 16.46 18.80
C PHE D 129 0.44 16.01 20.16
N PRO D 130 1.20 16.89 20.84
CA PRO D 130 1.72 16.52 22.16
C PRO D 130 0.64 16.52 23.25
N LEU D 131 0.78 15.58 24.16
CA LEU D 131 0.04 15.60 25.42
C LEU D 131 1.06 15.95 26.49
N ALA D 132 1.28 17.25 26.70
CA ALA D 132 2.38 17.73 27.52
C ALA D 132 2.16 17.40 28.98
N PRO D 133 3.26 17.17 29.71
CA PRO D 133 3.16 16.89 31.15
C PRO D 133 2.72 18.13 31.92
N SER D 134 2.02 17.93 33.02
CA SER D 134 1.46 19.05 33.78
C SER D 134 2.53 19.87 34.49
N SER D 135 2.40 21.19 34.38
CA SER D 135 3.19 22.13 35.18
C SER D 135 2.81 21.98 36.66
N LYS D 136 1.64 21.41 36.92
CA LYS D 136 1.21 21.13 38.28
C LYS D 136 1.49 19.68 38.64
N SER D 137 2.39 19.04 37.89
CA SER D 137 2.82 17.68 38.19
C SER D 137 3.45 17.63 39.58
N THR D 138 3.09 16.59 40.34
CA THR D 138 3.58 16.47 41.71
C THR D 138 5.10 16.36 41.75
N SER D 139 5.74 17.24 42.52
CA SER D 139 7.19 17.24 42.70
C SER D 139 7.64 15.91 43.31
N GLY D 140 8.62 15.28 42.67
CA GLY D 140 9.15 14.02 43.15
C GLY D 140 8.16 12.87 43.00
N GLY D 141 7.07 13.12 42.28
CA GLY D 141 6.06 12.11 42.06
C GLY D 141 6.11 11.55 40.65
N THR D 142 4.95 11.19 40.13
CA THR D 142 4.86 10.61 38.79
C THR D 142 4.10 11.55 37.86
N ALA D 143 4.64 11.72 36.66
CA ALA D 143 4.03 12.57 35.66
C ALA D 143 3.57 11.73 34.49
N ALA D 144 2.59 12.23 33.76
CA ALA D 144 2.12 11.55 32.57
C ALA D 144 2.24 12.48 31.36
N LEU D 145 2.60 11.90 30.23
CA LEU D 145 2.68 12.67 29.00
C LEU D 145 2.38 11.73 27.85
N GLY D 146 2.23 12.28 26.64
CA GLY D 146 1.87 11.42 25.54
C GLY D 146 1.77 12.12 24.20
N CYS D 147 1.24 11.40 23.23
CA CYS D 147 0.97 11.93 21.90
C CYS D 147 -0.44 11.56 21.47
N LEU D 148 -1.14 12.53 20.91
CA LEU D 148 -2.44 12.30 20.29
C LEU D 148 -2.22 12.06 18.81
N VAL D 149 -2.58 10.87 18.34
CA VAL D 149 -2.39 10.47 16.95
C VAL D 149 -3.76 10.47 16.26
N LYS D 150 -4.07 11.56 15.57
CA LYS D 150 -5.45 11.86 15.20
C LYS D 150 -5.68 11.95 13.70
N ASP D 151 -6.84 11.44 13.28
CA ASP D 151 -7.35 11.60 11.93
C ASP D 151 -6.52 10.87 10.89
N TYR D 152 -6.43 9.54 11.01
CA TYR D 152 -5.75 8.73 10.01
C TYR D 152 -6.65 7.61 9.51
N PHE D 153 -6.30 7.08 8.35
CA PHE D 153 -7.05 5.98 7.75
C PHE D 153 -6.19 5.31 6.69
N PRO D 154 -6.20 3.98 6.62
CA PRO D 154 -6.88 3.04 7.52
C PRO D 154 -5.98 2.63 8.67
N GLU D 155 -6.40 1.64 9.44
CA GLU D 155 -5.50 0.96 10.36
C GLU D 155 -4.43 0.25 9.53
N PRO D 156 -3.27 -0.05 10.14
CA PRO D 156 -2.87 0.25 11.51
C PRO D 156 -1.84 1.36 11.59
N VAL D 157 -1.56 1.81 12.82
CA VAL D 157 -0.45 2.70 13.08
C VAL D 157 0.38 2.12 14.21
N THR D 158 1.67 2.44 14.24
CA THR D 158 2.50 2.04 15.36
C THR D 158 3.06 3.27 16.07
N VAL D 159 3.36 3.12 17.36
CA VAL D 159 3.93 4.20 18.14
C VAL D 159 5.03 3.63 19.03
N SER D 160 6.21 4.25 18.98
CA SER D 160 7.24 3.94 19.96
C SER D 160 7.63 5.22 20.68
N TRP D 161 8.43 5.10 21.73
CA TRP D 161 8.93 6.26 22.45
C TRP D 161 10.44 6.29 22.47
N ASN D 162 11.02 7.45 22.15
CA ASN D 162 12.46 7.61 22.12
C ASN D 162 13.14 6.54 21.28
N SER D 163 12.54 6.26 20.11
CA SER D 163 13.05 5.27 19.17
C SER D 163 13.23 3.90 19.81
N GLY D 164 12.34 3.53 20.71
CA GLY D 164 12.36 2.22 21.32
C GLY D 164 13.11 2.15 22.64
N ALA D 165 13.78 3.24 23.01
CA ALA D 165 14.58 3.26 24.23
C ALA D 165 13.71 3.40 25.48
N LEU D 166 12.48 3.87 25.30
CA LEU D 166 11.53 4.01 26.40
C LEU D 166 10.34 3.07 26.19
N THR D 167 10.20 2.08 27.06
CA THR D 167 9.13 1.09 26.91
C THR D 167 8.29 0.95 28.17
N SER D 168 8.90 1.15 29.33
CA SER D 168 8.21 0.99 30.60
C SER D 168 7.19 2.10 30.82
N GLY D 169 5.99 1.71 31.25
CA GLY D 169 4.95 2.69 31.57
C GLY D 169 4.21 3.20 30.36
N VAL D 170 4.54 2.67 29.19
CA VAL D 170 3.86 3.08 27.95
C VAL D 170 2.52 2.36 27.77
N HIS D 171 1.48 3.12 27.45
CA HIS D 171 0.21 2.57 27.01
C HIS D 171 -0.23 3.21 25.71
N THR D 172 -0.21 2.43 24.63
CA THR D 172 -0.75 2.90 23.36
C THR D 172 -2.16 2.35 23.20
N PHE D 173 -3.14 3.23 23.20
CA PHE D 173 -4.54 2.81 23.22
C PHE D 173 -5.04 2.30 21.88
N PRO D 174 -6.02 1.38 21.91
CA PRO D 174 -6.69 0.99 20.68
C PRO D 174 -7.32 2.20 20.01
N ALA D 175 -7.23 2.25 18.69
CA ALA D 175 -7.81 3.36 17.93
C ALA D 175 -9.32 3.35 18.06
N VAL D 176 -9.92 4.52 17.98
CA VAL D 176 -11.36 4.64 17.90
C VAL D 176 -11.76 5.33 16.60
N LEU D 177 -12.85 4.88 16.01
CA LEU D 177 -13.38 5.51 14.81
C LEU D 177 -14.19 6.75 15.19
N GLN D 178 -13.80 7.90 14.68
CA GLN D 178 -14.48 9.16 14.98
C GLN D 178 -15.69 9.36 14.08
N SER D 179 -16.48 10.39 14.35
CA SER D 179 -17.67 10.64 13.53
C SER D 179 -17.28 10.93 12.08
N SER D 180 -16.05 11.40 11.88
CA SER D 180 -15.53 11.67 10.53
C SER D 180 -15.21 10.41 9.75
N GLY D 181 -15.19 9.27 10.42
CA GLY D 181 -14.77 8.04 9.79
C GLY D 181 -13.26 7.88 9.73
N LEU D 182 -12.55 8.77 10.42
CA LEU D 182 -11.10 8.66 10.59
C LEU D 182 -10.77 8.15 11.99
N TYR D 183 -9.66 7.45 12.12
CA TYR D 183 -9.24 6.90 13.40
C TYR D 183 -8.47 7.90 14.24
N SER D 184 -8.48 7.67 15.54
CA SER D 184 -7.68 8.47 16.47
C SER D 184 -7.29 7.62 17.67
N LEU D 185 -6.09 7.82 18.17
CA LEU D 185 -5.66 7.18 19.41
C LEU D 185 -4.64 8.04 20.13
N SER D 186 -4.46 7.76 21.41
CA SER D 186 -3.39 8.39 22.18
C SER D 186 -2.40 7.32 22.61
N SER D 187 -1.14 7.72 22.69
CA SER D 187 -0.13 6.91 23.35
C SER D 187 0.42 7.72 24.51
N VAL D 188 0.41 7.12 25.71
CA VAL D 188 0.86 7.82 26.90
C VAL D 188 1.95 7.05 27.62
N VAL D 189 2.68 7.75 28.46
CA VAL D 189 3.70 7.13 29.30
C VAL D 189 3.79 7.87 30.62
N THR D 190 3.98 7.13 31.71
CA THR D 190 4.22 7.76 33.01
C THR D 190 5.71 7.72 33.29
N VAL D 191 6.23 8.82 33.80
CA VAL D 191 7.66 8.97 34.07
C VAL D 191 7.83 9.77 35.36
N PRO D 192 9.05 9.74 35.93
CA PRO D 192 9.26 10.56 37.12
C PRO D 192 9.15 12.05 36.82
N SER D 193 8.45 12.78 37.68
CA SER D 193 8.31 14.22 37.52
C SER D 193 9.66 14.90 37.45
N SER D 194 10.61 14.36 38.20
CA SER D 194 11.95 14.93 38.28
C SER D 194 12.68 14.87 36.94
N SER D 195 12.16 14.08 36.02
CA SER D 195 12.83 13.88 34.73
C SER D 195 12.35 14.82 33.64
N LEU D 196 11.30 15.58 33.91
CA LEU D 196 10.68 16.42 32.87
C LEU D 196 11.63 17.49 32.34
N GLY D 197 12.52 17.99 33.19
CA GLY D 197 13.44 19.03 32.77
C GLY D 197 14.80 18.52 32.32
N THR D 198 15.01 17.21 32.37
CA THR D 198 16.34 16.66 32.14
C THR D 198 16.34 15.55 31.11
N GLN D 199 15.15 15.12 30.68
CA GLN D 199 15.03 14.05 29.70
C GLN D 199 14.09 14.48 28.58
N THR D 200 14.50 14.21 27.35
CA THR D 200 13.65 14.51 26.21
C THR D 200 12.76 13.31 25.90
N TYR D 201 11.48 13.58 25.62
CA TYR D 201 10.54 12.53 25.26
C TYR D 201 10.01 12.79 23.86
N ILE D 202 10.17 11.80 22.99
CA ILE D 202 9.72 11.90 21.61
C ILE D 202 8.92 10.67 21.24
N CYS D 203 7.71 10.87 20.72
CA CYS D 203 6.94 9.74 20.23
C CYS D 203 7.22 9.54 18.74
N ASN D 204 7.44 8.29 18.36
CA ASN D 204 7.69 7.96 16.97
C ASN D 204 6.47 7.24 16.40
N VAL D 205 5.81 7.90 15.46
CA VAL D 205 4.59 7.39 14.88
C VAL D 205 4.85 6.92 13.45
N ASN D 206 4.37 5.73 13.13
CA ASN D 206 4.51 5.22 11.78
C ASN D 206 3.17 4.72 11.26
N HIS D 207 2.69 5.34 10.19
CA HIS D 207 1.45 4.94 9.54
C HIS D 207 1.78 4.44 8.16
N LYS D 208 2.15 3.18 8.06
CA LYS D 208 2.66 2.64 6.80
C LYS D 208 1.67 2.73 5.64
N PRO D 209 0.36 2.60 5.90
CA PRO D 209 -0.59 2.72 4.79
C PRO D 209 -0.49 4.02 4.01
N SER D 210 -0.05 5.10 4.64
CA SER D 210 0.11 6.38 3.96
C SER D 210 1.59 6.79 3.84
N ASN D 211 2.48 5.87 4.19
CA ASN D 211 3.92 6.14 4.21
C ASN D 211 4.26 7.38 5.03
N THR D 212 3.63 7.50 6.19
CA THR D 212 3.81 8.66 7.06
C THR D 212 4.59 8.30 8.31
N LYS D 213 5.73 8.95 8.47
CA LYS D 213 6.54 8.81 9.67
C LYS D 213 6.65 10.16 10.34
N VAL D 214 6.28 10.21 11.62
CA VAL D 214 6.30 11.46 12.36
C VAL D 214 7.00 11.27 13.69
N ASP D 215 7.97 12.13 13.97
CA ASP D 215 8.59 12.20 15.30
C ASP D 215 8.09 13.47 15.99
N LYS D 216 7.59 13.32 17.20
CA LYS D 216 7.06 14.48 17.91
C LYS D 216 7.66 14.61 19.29
N LYS D 217 8.39 15.70 19.51
CA LYS D 217 8.95 15.97 20.83
C LYS D 217 7.88 16.51 21.76
N VAL D 218 7.72 15.86 22.91
CA VAL D 218 6.72 16.30 23.89
C VAL D 218 7.41 16.98 25.05
N GLU D 219 7.28 18.31 25.11
CA GLU D 219 7.96 19.08 26.13
C GLU D 219 6.98 19.65 27.13
N PRO D 220 7.44 19.85 28.37
CA PRO D 220 6.62 20.40 29.45
C PRO D 220 6.57 21.93 29.38
C11 OAZ E . 4.40 37.25 -13.05
O12 OAZ E . 3.39 37.84 -13.42
O13 OAZ E . 5.61 37.88 -13.07
C14 OAZ E . 5.55 39.23 -13.53
C15 OAZ E . 5.41 40.12 -12.33
C16 OAZ E . 4.62 41.27 -12.36
N17 OAZ E . 3.92 41.71 -13.52
N18 OAZ E . 3.95 41.12 -14.50
N19 OAZ E . 3.99 40.49 -15.57
C20 OAZ E . 4.52 42.06 -11.22
C21 OAZ E . 5.17 41.71 -10.04
C22 OAZ E . 5.96 40.55 -10.02
C23 OAZ E . 6.07 39.76 -11.16
S SO4 F . -10.40 43.24 -13.05
O1 SO4 F . -10.69 42.70 -14.38
O2 SO4 F . -8.96 43.25 -12.83
O3 SO4 F . -11.05 42.41 -12.04
O4 SO4 F . -10.91 44.60 -12.96
C1 EDO G . 31.66 -14.70 -14.32
O1 EDO G . 32.68 -13.85 -14.85
C2 EDO G . 31.06 -15.56 -15.44
O2 EDO G . 29.96 -16.33 -14.93
H11 EDO G . 32.07 -15.35 -13.55
H12 EDO G . 30.87 -14.10 -13.86
HO1 EDO G . 33.04 -13.31 -14.14
H21 EDO G . 30.71 -14.91 -16.25
H22 EDO G . 31.82 -16.22 -15.83
HO2 EDO G . 29.59 -16.86 -15.64
C1 EDO H . 1.65 8.72 -15.97
O1 EDO H . 2.88 9.39 -15.67
C2 EDO H . 1.32 8.83 -17.46
O2 EDO H . 2.47 8.53 -18.27
H11 EDO H . 1.74 7.67 -15.71
H12 EDO H . 0.84 9.15 -15.39
HO1 EDO H . 3.07 9.31 -14.72
H21 EDO H . 0.52 8.15 -17.71
H22 EDO H . 0.98 9.85 -17.68
HO2 EDO H . 2.23 8.62 -19.20
C1 PEG I . 10.62 -21.16 -24.07
O1 PEG I . 10.99 -22.42 -23.57
C2 PEG I . 10.29 -21.31 -25.55
O2 PEG I . 9.38 -22.36 -25.72
C3 PEG I . 9.07 -22.65 -27.04
C4 PEG I . 8.23 -21.47 -27.54
O4 PEG I . 9.06 -20.71 -28.40
H11 PEG I . 9.84 -20.84 -23.58
H12 PEG I . 11.36 -20.54 -23.96
HO1 PEG I . 10.56 -22.58 -22.85
H21 PEG I . 9.88 -20.49 -25.87
H22 PEG I . 11.09 -21.49 -26.04
H31 PEG I . 9.89 -22.71 -27.57
H32 PEG I . 8.57 -23.47 -27.10
H41 PEG I . 7.45 -21.80 -28.03
H42 PEG I . 7.94 -20.92 -26.79
HO4 PEG I . 8.58 -20.15 -28.81
S SO4 J . -19.44 -31.55 3.80
O1 SO4 J . -18.79 -31.06 2.58
O2 SO4 J . -19.55 -33.00 3.74
O3 SO4 J . -20.77 -30.96 3.91
O4 SO4 J . -18.64 -31.17 4.96
C1 EDO K . -17.55 -16.04 15.97
O1 EDO K . -16.41 -16.91 16.12
C2 EDO K . -18.70 -16.80 15.32
O2 EDO K . -19.46 -17.47 16.34
H11 EDO K . -17.84 -15.67 16.94
H12 EDO K . -17.27 -15.18 15.35
HO1 EDO K . -15.68 -16.42 16.52
H21 EDO K . -19.33 -16.10 14.78
H22 EDO K . -18.31 -17.54 14.62
HO2 EDO K . -20.19 -17.95 15.93
C1 EDO L . 0.04 -2.98 28.05
O1 EDO L . -0.59 -2.58 29.26
C2 EDO L . 0.29 -1.75 27.18
O2 EDO L . -0.93 -0.98 27.08
H11 EDO L . 1.00 -3.46 28.27
H12 EDO L . -0.59 -3.70 27.52
HO1 EDO L . -0.75 -3.34 29.82
H21 EDO L . 1.07 -1.14 27.61
H22 EDO L . 0.59 -2.07 26.18
HO2 EDO L . -0.77 -0.21 26.53
C1 EDO M . -19.04 5.38 27.86
O1 EDO M . -19.05 4.44 26.78
C2 EDO M . -19.21 6.79 27.30
O2 EDO M . -18.48 6.91 26.06
H11 EDO M . -19.87 5.17 28.54
H12 EDO M . -18.11 5.32 28.41
HO1 EDO M . -18.95 3.55 27.13
H21 EDO M . -20.27 7.00 27.12
H22 EDO M . -18.83 7.52 28.02
HO2 EDO M . -18.57 7.79 25.71
C1 EDO N . -1.80 11.44 39.74
O1 EDO N . -1.06 10.45 40.46
C2 EDO N . -1.15 12.80 39.90
O2 EDO N . 0.09 12.67 40.61
H11 EDO N . -1.85 11.17 38.69
H12 EDO N . -2.82 11.47 40.13
HO1 EDO N . -1.48 9.59 40.36
H21 EDO N . -0.96 13.24 38.92
H22 EDO N . -1.82 13.47 40.45
HO2 EDO N . 0.50 13.54 40.71
C1 PEG O . -2.44 22.51 33.10
O1 PEG O . -1.96 23.55 33.89
C2 PEG O . -1.44 22.29 31.99
O2 PEG O . -1.69 21.02 31.43
C3 PEG O . -0.64 20.13 31.52
C4 PEG O . -1.00 18.87 30.73
O4 PEG O . -0.58 19.06 29.39
H11 PEG O . -3.30 22.75 32.74
H12 PEG O . -2.51 21.70 33.64
HO1 PEG O . -2.09 24.30 33.49
H21 PEG O . -1.55 22.98 31.31
H22 PEG O . -0.54 22.32 32.34
H31 PEG O . 0.16 20.54 31.16
H32 PEG O . -0.48 19.89 32.46
H41 PEG O . -0.54 18.11 31.11
H42 PEG O . -1.96 18.74 30.76
HO4 PEG O . -1.25 18.98 28.88
S SO4 P . 10.06 1.67 8.02
O1 SO4 P . 9.70 0.36 8.59
O2 SO4 P . 10.73 1.48 6.74
O3 SO4 P . 10.94 2.37 8.94
O4 SO4 P . 8.84 2.45 7.82
C1 EDO Q . 8.48 -28.40 1.62
O1 EDO Q . 8.04 -27.04 1.65
C2 EDO Q . 7.82 -29.16 0.48
O2 EDO Q . 6.41 -29.26 0.69
H11 EDO Q . 9.56 -28.43 1.51
H12 EDO Q . 8.23 -28.88 2.57
HO1 EDO Q . 8.46 -26.57 2.38
H21 EDO Q . 8.01 -28.64 -0.46
H22 EDO Q . 8.25 -30.16 0.41
HO2 EDO Q . 6.00 -29.74 -0.04
C1 EDO R . -15.43 -12.72 11.05
O1 EDO R . -15.62 -11.65 11.96
C2 EDO R . -16.20 -12.46 9.76
O2 EDO R . -15.97 -11.11 9.34
H11 EDO R . -14.37 -12.83 10.81
H12 EDO R . -15.77 -13.66 11.49
HO1 EDO R . -15.12 -11.83 12.77
H21 EDO R . -15.89 -13.15 8.98
H22 EDO R . -17.28 -12.61 9.94
HO2 EDO R . -16.45 -10.93 8.53
C1 EDO S . -10.10 -3.45 -9.43
O1 EDO S . -10.42 -3.55 -8.03
C2 EDO S . -10.43 -4.76 -10.13
O2 EDO S . -11.86 -4.95 -10.18
H11 EDO S . -10.68 -2.64 -9.88
H12 EDO S . -9.04 -3.23 -9.55
HO1 EDO S . -10.20 -2.72 -7.59
H21 EDO S . -10.03 -4.76 -11.14
H22 EDO S . -9.99 -5.60 -9.59
HO2 EDO S . -12.06 -5.78 -10.63
#